data_2M9W
#
_entry.id   2M9W
#
loop_
_entity.id
_entity.type
_entity.pdbx_description
1 polymer 'Transcription factor GATA-4'
2 non-polymer 'ZINC ION'
#
_entity_poly.entity_id   1
_entity_poly.type   'polypeptide(L)'
_entity_poly.pdbx_seq_one_letter_code
;SHMSASRRVGLSCANCQTTTTTLWRRNAEGEPVCNACGLYMKLHGVPRPLAMRKEGIQTRKRK
;
_entity_poly.pdbx_strand_id   A
#
# COMPACT_ATOMS: atom_id res chain seq x y z
N SER A 1 22.80 1.36 -1.26
CA SER A 1 21.43 1.18 -1.78
C SER A 1 21.47 0.70 -3.25
N HIS A 2 20.54 -0.18 -3.62
CA HIS A 2 20.40 -0.70 -5.00
C HIS A 2 19.51 0.28 -5.81
N MET A 3 19.76 0.39 -7.13
CA MET A 3 18.97 1.25 -8.02
C MET A 3 17.55 0.65 -8.21
N SER A 4 16.63 1.10 -7.35
CA SER A 4 15.24 0.62 -7.31
C SER A 4 14.41 1.31 -8.42
N ALA A 5 14.23 0.62 -9.56
CA ALA A 5 13.42 1.11 -10.68
C ALA A 5 11.94 1.28 -10.25
N SER A 6 11.31 2.35 -10.75
CA SER A 6 9.93 2.73 -10.38
C SER A 6 8.88 1.92 -11.17
N ARG A 7 9.33 0.86 -11.86
CA ARG A 7 8.49 -0.12 -12.57
C ARG A 7 7.42 -0.69 -11.62
N ARG A 8 6.20 -0.16 -11.72
CA ARG A 8 5.07 -0.57 -10.88
C ARG A 8 3.96 -1.20 -11.74
N VAL A 9 4.05 -2.53 -11.91
CA VAL A 9 3.14 -3.31 -12.76
C VAL A 9 2.15 -4.09 -11.88
N GLY A 10 0.84 -3.88 -12.10
CA GLY A 10 -0.21 -4.53 -11.30
C GLY A 10 -0.47 -3.80 -9.99
N LEU A 11 -0.73 -2.47 -10.10
CA LEU A 11 -0.96 -1.53 -8.97
C LEU A 11 0.29 -1.35 -8.09
N SER A 12 0.12 -0.64 -6.97
CA SER A 12 1.13 -0.52 -5.92
C SER A 12 0.39 -0.42 -4.57
N CYS A 13 0.93 -1.08 -3.54
CA CYS A 13 0.40 -1.00 -2.16
C CYS A 13 0.40 0.44 -1.67
N ALA A 14 -0.77 0.94 -1.22
CA ALA A 14 -0.95 2.32 -0.74
C ALA A 14 -0.46 2.47 0.72
N ASN A 15 0.78 2.00 0.95
CA ASN A 15 1.50 2.07 2.23
C ASN A 15 2.95 1.62 2.00
N CYS A 16 3.14 0.31 1.70
CA CYS A 16 4.47 -0.32 1.64
C CYS A 16 5.07 -0.32 0.22
N GLN A 17 4.30 0.23 -0.76
CA GLN A 17 4.77 0.51 -2.15
C GLN A 17 5.04 -0.77 -2.99
N THR A 18 4.89 -1.98 -2.40
CA THR A 18 5.12 -3.25 -3.12
C THR A 18 3.97 -3.52 -4.12
N THR A 19 4.35 -3.91 -5.33
CA THR A 19 3.40 -4.21 -6.42
C THR A 19 3.08 -5.72 -6.47
N THR A 20 3.84 -6.50 -5.69
CA THR A 20 3.70 -7.97 -5.63
C THR A 20 3.15 -8.40 -4.24
N THR A 21 2.01 -9.12 -4.27
CA THR A 21 1.36 -9.69 -3.07
C THR A 21 0.36 -10.78 -3.49
N THR A 22 0.00 -11.65 -2.55
CA THR A 22 -0.96 -12.75 -2.78
C THR A 22 -2.40 -12.22 -2.92
N LEU A 23 -2.76 -11.24 -2.09
CA LEU A 23 -4.11 -10.69 -2.02
C LEU A 23 -4.05 -9.17 -1.88
N TRP A 24 -4.81 -8.46 -2.73
CA TRP A 24 -4.99 -7.00 -2.65
C TRP A 24 -6.22 -6.69 -1.78
N ARG A 25 -5.97 -6.38 -0.50
CA ARG A 25 -7.00 -5.89 0.42
C ARG A 25 -7.12 -4.36 0.32
N ARG A 26 -8.09 -3.79 1.07
CA ARG A 26 -8.36 -2.34 1.06
C ARG A 26 -8.19 -1.80 2.47
N ASN A 27 -7.53 -0.63 2.58
CA ASN A 27 -7.24 0.02 3.88
C ASN A 27 -8.47 0.82 4.41
N ALA A 28 -8.24 1.73 5.38
CA ALA A 28 -9.31 2.51 6.05
C ALA A 28 -9.99 3.49 5.06
N GLU A 29 -9.21 3.97 4.08
CA GLU A 29 -9.72 4.87 3.02
C GLU A 29 -10.32 4.05 1.86
N GLY A 30 -10.01 2.74 1.85
CA GLY A 30 -10.44 1.83 0.79
C GLY A 30 -9.45 1.79 -0.38
N GLU A 31 -8.21 2.23 -0.12
CA GLU A 31 -7.13 2.27 -1.13
C GLU A 31 -6.53 0.85 -1.32
N PRO A 32 -6.03 0.52 -2.55
CA PRO A 32 -5.47 -0.82 -2.84
C PRO A 32 -4.11 -1.05 -2.13
N VAL A 33 -4.17 -1.79 -1.02
CA VAL A 33 -2.98 -2.19 -0.24
C VAL A 33 -2.75 -3.69 -0.36
N CYS A 34 -1.51 -4.11 -0.07
CA CYS A 34 -1.17 -5.53 0.07
C CYS A 34 -1.86 -6.13 1.31
N ASN A 35 -1.97 -7.47 1.34
CA ASN A 35 -2.64 -8.23 2.42
C ASN A 35 -2.05 -7.86 3.81
N ALA A 36 -0.71 -7.76 3.87
CA ALA A 36 0.04 -7.48 5.12
C ALA A 36 -0.30 -6.09 5.71
N CYS A 37 -0.49 -5.09 4.83
CA CYS A 37 -0.80 -3.69 5.24
C CYS A 37 -2.27 -3.57 5.70
N GLY A 38 -3.16 -4.31 5.03
CA GLY A 38 -4.60 -4.33 5.34
C GLY A 38 -4.89 -4.94 6.70
N LEU A 39 -4.17 -6.03 7.03
CA LEU A 39 -4.31 -6.74 8.31
C LEU A 39 -3.89 -5.87 9.50
N TYR A 40 -2.91 -4.98 9.28
CA TYR A 40 -2.37 -4.11 10.34
C TYR A 40 -3.43 -3.08 10.80
N MET A 41 -4.34 -2.69 9.88
CA MET A 41 -5.48 -1.80 10.19
C MET A 41 -6.60 -2.55 10.92
N LYS A 42 -6.77 -3.85 10.58
CA LYS A 42 -7.72 -4.74 11.29
C LYS A 42 -7.27 -4.93 12.75
N LEU A 43 -5.95 -5.02 12.94
CA LEU A 43 -5.32 -5.15 14.26
C LEU A 43 -5.36 -3.83 15.04
N HIS A 44 -5.09 -2.70 14.35
CA HIS A 44 -4.88 -1.39 15.00
C HIS A 44 -5.82 -0.30 14.44
N GLY A 45 -5.58 0.13 13.20
CA GLY A 45 -6.36 1.21 12.57
C GLY A 45 -5.52 2.01 11.59
N VAL A 46 -4.26 2.23 11.99
CA VAL A 46 -3.22 2.83 11.12
C VAL A 46 -2.55 1.71 10.27
N PRO A 47 -1.86 2.05 9.12
CA PRO A 47 -1.12 1.06 8.30
C PRO A 47 0.32 0.83 8.83
N ARG A 48 1.11 0.00 8.10
CA ARG A 48 2.48 -0.38 8.51
C ARG A 48 3.48 0.79 8.27
N PRO A 49 3.96 1.46 9.38
CA PRO A 49 4.79 2.71 9.31
C PRO A 49 6.14 2.51 8.57
N LEU A 50 6.36 3.30 7.49
CA LEU A 50 7.66 3.36 6.78
C LEU A 50 8.28 4.76 6.97
N ALA A 51 7.68 5.76 6.29
CA ALA A 51 8.21 7.13 6.18
C ALA A 51 7.62 8.05 7.27
N MET A 52 7.40 7.47 8.48
CA MET A 52 6.93 8.18 9.69
C MET A 52 5.45 8.63 9.53
N ARG A 53 4.86 9.17 10.61
CA ARG A 53 3.45 9.65 10.67
C ARG A 53 3.31 11.07 10.05
N LYS A 54 3.95 11.28 8.88
CA LYS A 54 4.08 12.60 8.25
C LYS A 54 2.83 12.93 7.39
N GLU A 55 2.56 12.09 6.37
CA GLU A 55 1.53 12.37 5.35
C GLU A 55 0.14 11.81 5.72
N GLY A 56 -0.25 12.00 6.99
CA GLY A 56 -1.64 11.82 7.41
C GLY A 56 -2.41 13.12 7.19
N ILE A 57 -2.43 13.56 5.92
CA ILE A 57 -2.90 14.90 5.52
C ILE A 57 -4.43 15.01 5.67
N GLN A 58 -4.88 16.06 6.36
CA GLN A 58 -6.30 16.24 6.74
C GLN A 58 -6.91 17.51 6.09
N THR A 59 -6.38 17.91 4.92
CA THR A 59 -6.76 19.17 4.25
C THR A 59 -8.05 19.02 3.39
N ARG A 60 -9.12 18.49 4.02
CA ARG A 60 -10.49 18.43 3.44
C ARG A 60 -10.55 17.58 2.13
N LYS A 61 -9.57 16.67 1.98
CA LYS A 61 -9.46 15.81 0.79
C LYS A 61 -10.48 14.65 0.87
N ARG A 62 -11.60 14.82 0.13
CA ARG A 62 -12.71 13.84 0.04
C ARG A 62 -12.20 12.47 -0.44
N LYS A 63 -11.24 12.50 -1.38
CA LYS A 63 -10.52 11.31 -1.86
C LYS A 63 -9.13 11.33 -1.19
N SER A 1 22.29 -22.42 -16.52
CA SER A 1 20.84 -22.14 -16.35
C SER A 1 20.62 -20.84 -15.57
N HIS A 2 19.58 -20.07 -15.95
CA HIS A 2 19.18 -18.85 -15.23
C HIS A 2 17.66 -18.71 -15.28
N MET A 3 17.04 -18.33 -14.15
CA MET A 3 15.59 -18.27 -13.99
C MET A 3 14.96 -17.12 -14.80
N SER A 4 13.73 -17.37 -15.30
CA SER A 4 12.94 -16.40 -16.06
C SER A 4 12.33 -15.33 -15.13
N ALA A 5 12.29 -14.08 -15.62
CA ALA A 5 11.75 -12.92 -14.87
C ALA A 5 10.20 -12.94 -14.81
N SER A 6 9.63 -12.62 -13.63
CA SER A 6 8.17 -12.55 -13.43
C SER A 6 7.54 -11.41 -14.25
N ARG A 7 6.30 -11.62 -14.71
CA ARG A 7 5.54 -10.64 -15.48
C ARG A 7 4.04 -10.71 -15.13
N ARG A 8 3.63 -9.84 -14.20
CA ARG A 8 2.22 -9.60 -13.85
C ARG A 8 2.11 -8.20 -13.23
N VAL A 9 1.69 -7.23 -14.03
CA VAL A 9 1.45 -5.85 -13.58
C VAL A 9 -0.02 -5.72 -13.15
N GLY A 10 -0.23 -5.32 -11.89
CA GLY A 10 -1.58 -5.15 -11.33
C GLY A 10 -1.73 -3.79 -10.66
N LEU A 11 -2.04 -3.80 -9.35
CA LEU A 11 -2.14 -2.57 -8.52
C LEU A 11 -0.85 -2.37 -7.70
N SER A 12 -0.81 -1.34 -6.85
CA SER A 12 0.31 -1.13 -5.92
C SER A 12 -0.25 -0.83 -4.51
N CYS A 13 0.41 -1.39 -3.47
CA CYS A 13 0.06 -1.18 -2.06
C CYS A 13 0.14 0.31 -1.70
N ALA A 14 -1.00 0.91 -1.33
CA ALA A 14 -1.05 2.31 -0.89
C ALA A 14 -0.65 2.40 0.60
N ASN A 15 0.57 1.92 0.89
CA ASN A 15 1.09 1.77 2.25
C ASN A 15 2.58 1.38 2.19
N CYS A 16 2.90 0.34 1.37
CA CYS A 16 4.28 -0.17 1.23
C CYS A 16 4.74 -0.19 -0.24
N GLN A 17 3.80 0.09 -1.16
CA GLN A 17 4.04 0.25 -2.62
C GLN A 17 4.55 -1.04 -3.32
N THR A 18 4.35 -2.20 -2.67
CA THR A 18 4.63 -3.50 -3.30
C THR A 18 3.52 -3.84 -4.31
N THR A 19 3.93 -4.25 -5.50
CA THR A 19 3.02 -4.73 -6.56
C THR A 19 2.85 -6.27 -6.46
N THR A 20 3.70 -6.92 -5.64
CA THR A 20 3.71 -8.37 -5.45
C THR A 20 3.01 -8.76 -4.13
N THR A 21 1.80 -9.35 -4.23
CA THR A 21 1.04 -9.89 -3.09
C THR A 21 -0.07 -10.81 -3.61
N THR A 22 -0.39 -11.87 -2.84
CA THR A 22 -1.41 -12.86 -3.20
C THR A 22 -2.83 -12.43 -2.78
N LEU A 23 -2.94 -11.25 -2.13
CA LEU A 23 -4.23 -10.67 -1.70
C LEU A 23 -4.14 -9.13 -1.66
N TRP A 24 -5.09 -8.49 -2.36
CA TRP A 24 -5.28 -7.04 -2.33
C TRP A 24 -6.47 -6.69 -1.43
N ARG A 25 -6.19 -6.04 -0.30
CA ARG A 25 -7.23 -5.49 0.60
C ARG A 25 -7.34 -3.96 0.41
N ARG A 26 -8.28 -3.34 1.12
CA ARG A 26 -8.52 -1.88 1.10
C ARG A 26 -8.18 -1.30 2.48
N ASN A 27 -7.43 -0.18 2.50
CA ASN A 27 -7.15 0.58 3.73
C ASN A 27 -8.37 1.44 4.14
N ALA A 28 -8.17 2.35 5.10
CA ALA A 28 -9.25 3.21 5.65
C ALA A 28 -9.83 4.18 4.60
N GLU A 29 -9.00 4.50 3.59
CA GLU A 29 -9.36 5.41 2.48
C GLU A 29 -10.02 4.62 1.32
N GLY A 30 -9.89 3.29 1.34
CA GLY A 30 -10.40 2.42 0.28
C GLY A 30 -9.39 2.22 -0.86
N GLU A 31 -8.13 2.61 -0.59
CA GLU A 31 -7.01 2.43 -1.52
C GLU A 31 -6.47 0.98 -1.44
N PRO A 32 -5.95 0.40 -2.58
CA PRO A 32 -5.53 -1.01 -2.63
C PRO A 32 -4.18 -1.26 -1.91
N VAL A 33 -4.24 -1.78 -0.68
CA VAL A 33 -3.04 -2.20 0.07
C VAL A 33 -2.86 -3.72 -0.02
N CYS A 34 -1.61 -4.18 0.21
CA CYS A 34 -1.29 -5.62 0.31
C CYS A 34 -1.84 -6.21 1.61
N ASN A 35 -1.84 -7.55 1.73
CA ASN A 35 -2.39 -8.25 2.91
C ASN A 35 -1.54 -7.95 4.17
N ALA A 36 -0.22 -7.83 4.00
CA ALA A 36 0.72 -7.53 5.12
C ALA A 36 0.42 -6.15 5.78
N CYS A 37 -0.06 -5.22 4.95
CA CYS A 37 -0.49 -3.87 5.40
C CYS A 37 -1.96 -3.89 5.88
N GLY A 38 -2.76 -4.76 5.24
CA GLY A 38 -4.20 -4.86 5.49
C GLY A 38 -4.53 -5.50 6.83
N LEU A 39 -3.72 -6.49 7.23
CA LEU A 39 -3.84 -7.17 8.52
C LEU A 39 -3.43 -6.23 9.66
N TYR A 40 -2.46 -5.34 9.38
CA TYR A 40 -1.96 -4.36 10.36
C TYR A 40 -3.10 -3.38 10.74
N MET A 41 -3.83 -2.89 9.73
CA MET A 41 -4.99 -2.01 9.94
C MET A 41 -6.18 -2.77 10.57
N LYS A 42 -6.31 -4.07 10.26
CA LYS A 42 -7.33 -4.95 10.86
C LYS A 42 -7.08 -5.08 12.38
N LEU A 43 -5.82 -5.30 12.74
CA LEU A 43 -5.40 -5.57 14.13
C LEU A 43 -5.34 -4.28 14.97
N HIS A 44 -4.97 -3.14 14.34
CA HIS A 44 -4.64 -1.89 15.07
C HIS A 44 -5.57 -0.73 14.67
N GLY A 45 -5.74 -0.52 13.36
CA GLY A 45 -6.64 0.54 12.85
C GLY A 45 -5.90 1.65 12.12
N VAL A 46 -4.60 1.45 11.86
CA VAL A 46 -3.72 2.47 11.19
C VAL A 46 -2.94 1.82 10.03
N PRO A 47 -2.47 2.63 9.02
CA PRO A 47 -1.53 2.15 7.98
C PRO A 47 -0.18 1.74 8.59
N ARG A 48 0.45 0.72 8.01
CA ARG A 48 1.72 0.16 8.51
C ARG A 48 2.88 1.17 8.33
N PRO A 49 3.41 1.79 9.45
CA PRO A 49 4.50 2.79 9.36
C PRO A 49 5.85 2.13 9.03
N LEU A 50 6.37 2.42 7.84
CA LEU A 50 7.68 1.93 7.39
C LEU A 50 8.78 2.93 7.77
N ALA A 51 8.66 4.15 7.24
CA ALA A 51 9.67 5.21 7.40
C ALA A 51 8.99 6.58 7.65
N MET A 52 8.02 6.92 6.78
CA MET A 52 7.33 8.23 6.81
C MET A 52 6.44 8.35 8.07
N ARG A 53 7.00 8.99 9.11
CA ARG A 53 6.26 9.43 10.29
C ARG A 53 5.77 10.87 10.06
N LYS A 54 4.47 11.03 9.77
CA LYS A 54 3.79 12.34 9.71
C LYS A 54 2.26 12.13 9.77
N GLU A 55 1.74 12.00 11.00
CA GLU A 55 0.31 12.08 11.30
C GLU A 55 0.03 13.50 11.81
N GLY A 56 -0.05 14.45 10.84
CA GLY A 56 -0.15 15.88 11.14
C GLY A 56 -1.48 16.29 11.73
N ILE A 57 -1.47 17.30 12.62
CA ILE A 57 -2.69 17.86 13.24
C ILE A 57 -2.74 19.40 13.04
N GLN A 58 -3.94 19.97 13.28
CA GLN A 58 -4.20 21.42 13.39
C GLN A 58 -4.31 22.13 12.02
N THR A 59 -3.40 21.84 11.07
CA THR A 59 -3.36 22.51 9.76
C THR A 59 -4.65 22.26 8.95
N ARG A 60 -5.42 23.34 8.69
CA ARG A 60 -6.64 23.27 7.88
C ARG A 60 -6.27 23.27 6.40
N LYS A 61 -6.08 22.07 5.84
CA LYS A 61 -5.74 21.88 4.42
C LYS A 61 -6.85 21.09 3.72
N ARG A 62 -7.11 21.43 2.45
CA ARG A 62 -8.21 20.84 1.64
C ARG A 62 -7.65 19.69 0.77
N LYS A 63 -6.75 18.89 1.38
CA LYS A 63 -6.05 17.75 0.77
C LYS A 63 -5.09 17.16 1.82
N SER A 1 8.48 -12.16 -34.70
CA SER A 1 8.63 -11.19 -33.58
C SER A 1 7.64 -10.02 -33.71
N HIS A 2 6.46 -10.31 -34.29
CA HIS A 2 5.34 -9.34 -34.39
C HIS A 2 4.47 -9.37 -33.11
N MET A 3 5.01 -9.99 -32.04
CA MET A 3 4.39 -10.05 -30.71
C MET A 3 5.33 -9.43 -29.67
N SER A 4 4.75 -9.00 -28.54
CA SER A 4 5.48 -8.41 -27.42
C SER A 4 4.74 -8.73 -26.12
N ALA A 5 5.32 -9.64 -25.30
CA ALA A 5 4.75 -10.06 -24.02
C ALA A 5 5.27 -9.14 -22.90
N SER A 6 5.11 -7.82 -23.12
CA SER A 6 5.53 -6.78 -22.18
C SER A 6 4.67 -6.86 -20.91
N ARG A 7 5.21 -7.60 -19.92
CA ARG A 7 4.50 -7.95 -18.68
C ARG A 7 4.21 -6.67 -17.86
N ARG A 8 3.01 -6.62 -17.25
CA ARG A 8 2.50 -5.42 -16.56
C ARG A 8 2.38 -5.66 -15.06
N VAL A 9 2.49 -4.57 -14.30
CA VAL A 9 2.23 -4.55 -12.85
C VAL A 9 0.71 -4.35 -12.64
N GLY A 10 0.13 -5.14 -11.71
CA GLY A 10 -1.27 -4.99 -11.35
C GLY A 10 -1.52 -3.70 -10.56
N LEU A 11 -1.13 -3.72 -9.26
CA LEU A 11 -1.22 -2.56 -8.35
C LEU A 11 0.01 -2.53 -7.42
N SER A 12 0.22 -1.39 -6.77
CA SER A 12 1.18 -1.24 -5.67
C SER A 12 0.40 -0.89 -4.38
N CYS A 13 0.90 -1.39 -3.23
CA CYS A 13 0.34 -1.12 -1.89
C CYS A 13 0.31 0.39 -1.63
N ALA A 14 -0.87 0.93 -1.28
CA ALA A 14 -1.07 2.37 -1.01
C ALA A 14 -0.65 2.70 0.45
N ASN A 15 0.58 2.33 0.78
CA ASN A 15 1.17 2.49 2.12
C ASN A 15 2.67 2.16 2.07
N CYS A 16 3.00 0.93 1.60
CA CYS A 16 4.39 0.42 1.58
C CYS A 16 4.92 0.26 0.14
N GLN A 17 4.04 0.47 -0.87
CA GLN A 17 4.36 0.44 -2.31
C GLN A 17 4.85 -0.94 -2.81
N THR A 18 4.56 -2.01 -2.04
CA THR A 18 4.89 -3.39 -2.46
C THR A 18 3.84 -3.89 -3.47
N THR A 19 4.32 -4.40 -4.62
CA THR A 19 3.48 -4.97 -5.67
C THR A 19 3.21 -6.46 -5.37
N THR A 20 4.17 -7.09 -4.64
CA THR A 20 4.05 -8.48 -4.19
C THR A 20 3.18 -8.57 -2.92
N THR A 21 2.15 -9.43 -2.99
CA THR A 21 1.16 -9.66 -1.92
C THR A 21 0.36 -10.93 -2.23
N THR A 22 -0.40 -11.40 -1.23
CA THR A 22 -1.33 -12.53 -1.41
C THR A 22 -2.79 -12.03 -1.50
N LEU A 23 -3.06 -10.84 -0.91
CA LEU A 23 -4.41 -10.29 -0.82
C LEU A 23 -4.38 -8.76 -0.91
N TRP A 24 -5.21 -8.20 -1.81
CA TRP A 24 -5.46 -6.75 -1.88
C TRP A 24 -6.65 -6.39 -0.97
N ARG A 25 -6.34 -5.86 0.21
CA ARG A 25 -7.35 -5.30 1.12
C ARG A 25 -7.50 -3.82 0.80
N ARG A 26 -8.72 -3.28 0.98
CA ARG A 26 -9.00 -1.85 0.77
C ARG A 26 -9.22 -1.19 2.12
N ASN A 27 -8.47 -0.10 2.36
CA ASN A 27 -8.58 0.70 3.59
C ASN A 27 -9.84 1.59 3.53
N ALA A 28 -10.02 2.45 4.56
CA ALA A 28 -11.21 3.32 4.69
C ALA A 28 -11.23 4.45 3.63
N GLU A 29 -10.08 4.65 2.95
CA GLU A 29 -9.91 5.65 1.88
C GLU A 29 -10.28 5.04 0.50
N GLY A 30 -10.48 3.69 0.47
CA GLY A 30 -10.81 2.95 -0.76
C GLY A 30 -9.57 2.47 -1.53
N GLU A 31 -8.39 2.74 -0.94
CA GLU A 31 -7.08 2.47 -1.56
C GLU A 31 -6.65 0.99 -1.37
N PRO A 32 -6.00 0.37 -2.42
CA PRO A 32 -5.56 -1.04 -2.36
C PRO A 32 -4.19 -1.19 -1.65
N VAL A 33 -4.24 -1.62 -0.40
CA VAL A 33 -3.05 -1.97 0.40
C VAL A 33 -2.86 -3.50 0.39
N CYS A 34 -1.60 -3.93 0.51
CA CYS A 34 -1.24 -5.37 0.54
C CYS A 34 -1.75 -6.05 1.82
N ASN A 35 -1.55 -7.39 1.90
CA ASN A 35 -1.97 -8.20 3.05
C ASN A 35 -1.18 -7.80 4.32
N ALA A 36 0.12 -7.48 4.15
CA ALA A 36 1.02 -7.10 5.27
C ALA A 36 0.59 -5.78 5.93
N CYS A 37 0.13 -4.82 5.10
CA CYS A 37 -0.36 -3.50 5.55
C CYS A 37 -1.81 -3.56 6.00
N GLY A 38 -2.56 -4.47 5.36
CA GLY A 38 -3.99 -4.63 5.59
C GLY A 38 -4.30 -5.33 6.90
N LEU A 39 -3.48 -6.33 7.25
CA LEU A 39 -3.61 -7.07 8.53
C LEU A 39 -3.19 -6.17 9.70
N TYR A 40 -2.19 -5.30 9.46
CA TYR A 40 -1.75 -4.31 10.47
C TYR A 40 -2.89 -3.29 10.72
N MET A 41 -3.53 -2.86 9.62
CA MET A 41 -4.75 -2.02 9.65
C MET A 41 -5.89 -2.72 10.41
N LYS A 42 -6.01 -4.04 10.18
CA LYS A 42 -7.10 -4.89 10.72
C LYS A 42 -6.94 -5.09 12.24
N LEU A 43 -5.68 -5.16 12.70
CA LEU A 43 -5.33 -5.46 14.11
C LEU A 43 -5.12 -4.18 14.94
N HIS A 44 -4.54 -3.13 14.33
CA HIS A 44 -4.00 -1.96 15.08
C HIS A 44 -4.66 -0.63 14.64
N GLY A 45 -5.62 -0.71 13.70
CA GLY A 45 -6.40 0.46 13.27
C GLY A 45 -5.71 1.31 12.21
N VAL A 46 -4.40 1.53 12.36
CA VAL A 46 -3.56 2.27 11.40
C VAL A 46 -2.76 1.27 10.51
N PRO A 47 -2.27 1.68 9.29
CA PRO A 47 -1.49 0.79 8.39
C PRO A 47 -0.03 0.57 8.87
N ARG A 48 0.74 -0.21 8.10
CA ARG A 48 2.08 -0.70 8.54
C ARG A 48 3.21 0.30 8.20
N PRO A 49 3.85 0.96 9.23
CA PRO A 49 4.99 1.89 8.98
C PRO A 49 6.28 1.12 8.57
N LEU A 50 7.15 1.77 7.77
CA LEU A 50 8.43 1.18 7.31
C LEU A 50 9.63 1.94 7.90
N ALA A 51 10.81 1.28 7.91
CA ALA A 51 12.08 1.89 8.28
C ALA A 51 12.72 2.56 7.04
N MET A 52 12.45 3.86 6.86
CA MET A 52 12.97 4.66 5.72
C MET A 52 13.31 6.08 6.20
N ARG A 53 14.24 6.75 5.49
CA ARG A 53 14.78 8.08 5.84
C ARG A 53 13.69 9.12 6.18
N LYS A 54 13.42 9.31 7.50
CA LYS A 54 12.59 10.42 8.04
C LYS A 54 11.14 10.40 7.51
N GLU A 55 10.71 9.25 6.94
CA GLU A 55 9.35 9.08 6.39
C GLU A 55 8.36 8.75 7.51
N GLY A 56 8.09 9.77 8.35
CA GLY A 56 7.12 9.67 9.44
C GLY A 56 5.82 10.35 9.08
N ILE A 57 5.85 11.69 9.00
CA ILE A 57 4.70 12.51 8.61
C ILE A 57 4.73 12.78 7.08
N GLN A 58 3.95 11.98 6.34
CA GLN A 58 3.80 12.13 4.88
C GLN A 58 2.38 12.66 4.59
N THR A 59 2.29 13.73 3.78
CA THR A 59 1.00 14.35 3.41
C THR A 59 0.91 14.45 1.87
N ARG A 60 0.31 13.40 1.26
CA ARG A 60 0.08 13.26 -0.20
C ARG A 60 1.41 13.08 -0.96
N LYS A 61 1.63 11.87 -1.51
CA LYS A 61 2.82 11.52 -2.30
C LYS A 61 2.89 12.35 -3.60
N ARG A 62 3.82 13.31 -3.62
CA ARG A 62 4.13 14.12 -4.82
C ARG A 62 5.16 13.36 -5.68
N LYS A 63 4.82 13.19 -6.97
CA LYS A 63 5.58 12.37 -7.95
C LYS A 63 5.48 10.86 -7.60
N SER A 1 7.42 -15.03 -12.01
CA SER A 1 7.66 -14.15 -13.18
C SER A 1 9.16 -13.81 -13.27
N HIS A 2 9.53 -13.00 -14.28
CA HIS A 2 10.90 -12.51 -14.49
C HIS A 2 10.88 -10.98 -14.63
N MET A 3 9.76 -10.43 -15.14
CA MET A 3 9.56 -8.98 -15.28
C MET A 3 9.14 -8.38 -13.92
N SER A 4 9.80 -7.29 -13.51
CA SER A 4 9.38 -6.48 -12.36
C SER A 4 8.23 -5.57 -12.82
N ALA A 5 7.11 -5.59 -12.08
CA ALA A 5 5.95 -4.74 -12.38
C ALA A 5 6.30 -3.28 -12.07
N SER A 6 6.83 -2.58 -13.10
CA SER A 6 7.20 -1.14 -13.06
C SER A 6 5.95 -0.22 -13.24
N ARG A 7 4.78 -0.85 -13.15
CA ARG A 7 3.47 -0.24 -13.33
C ARG A 7 2.44 -1.11 -12.60
N ARG A 8 1.26 -0.56 -12.31
CA ARG A 8 0.16 -1.33 -11.69
C ARG A 8 -0.43 -2.34 -12.69
N VAL A 9 0.16 -3.55 -12.70
CA VAL A 9 -0.34 -4.69 -13.49
C VAL A 9 -1.56 -5.30 -12.75
N GLY A 10 -1.38 -5.51 -11.44
CA GLY A 10 -2.46 -5.95 -10.55
C GLY A 10 -2.47 -5.11 -9.28
N LEU A 11 -2.48 -3.76 -9.47
CA LEU A 11 -2.43 -2.74 -8.39
C LEU A 11 -1.05 -2.70 -7.68
N SER A 12 -0.86 -1.67 -6.83
CA SER A 12 0.30 -1.57 -5.92
C SER A 12 -0.20 -1.04 -4.56
N CYS A 13 0.45 -1.50 -3.48
CA CYS A 13 0.13 -1.11 -2.10
C CYS A 13 0.33 0.40 -1.91
N ALA A 14 -0.74 1.12 -1.50
CA ALA A 14 -0.68 2.57 -1.26
C ALA A 14 0.33 2.95 -0.15
N ASN A 15 0.64 1.96 0.72
CA ASN A 15 1.54 2.13 1.87
C ASN A 15 3.00 1.77 1.51
N CYS A 16 3.22 0.53 1.01
CA CYS A 16 4.59 -0.03 0.84
C CYS A 16 5.00 -0.20 -0.64
N GLN A 17 4.02 -0.01 -1.56
CA GLN A 17 4.24 -0.05 -3.03
C GLN A 17 4.76 -1.41 -3.55
N THR A 18 4.38 -2.50 -2.86
CA THR A 18 4.58 -3.86 -3.37
C THR A 18 3.40 -4.24 -4.30
N THR A 19 3.74 -4.83 -5.44
CA THR A 19 2.77 -5.33 -6.43
C THR A 19 2.57 -6.85 -6.26
N THR A 20 3.60 -7.53 -5.71
CA THR A 20 3.71 -9.01 -5.74
C THR A 20 3.02 -9.69 -4.54
N THR A 21 2.19 -8.93 -3.80
CA THR A 21 1.42 -9.46 -2.65
C THR A 21 0.34 -10.47 -3.12
N THR A 22 0.05 -11.44 -2.24
CA THR A 22 -0.90 -12.52 -2.53
C THR A 22 -2.35 -12.02 -2.38
N LEU A 23 -2.68 -11.51 -1.18
CA LEU A 23 -4.03 -10.99 -0.84
C LEU A 23 -4.03 -9.45 -0.97
N TRP A 24 -5.16 -8.91 -1.48
CA TRP A 24 -5.42 -7.46 -1.54
C TRP A 24 -6.51 -7.07 -0.54
N ARG A 25 -6.35 -5.88 0.06
CA ARG A 25 -7.27 -5.30 1.04
C ARG A 25 -7.59 -3.85 0.64
N ARG A 26 -8.58 -3.25 1.32
CA ARG A 26 -8.96 -1.82 1.15
C ARG A 26 -8.88 -1.10 2.50
N ASN A 27 -8.19 0.05 2.51
CA ASN A 27 -8.04 0.86 3.74
C ASN A 27 -9.27 1.76 3.97
N ALA A 28 -9.20 2.59 5.04
CA ALA A 28 -10.27 3.55 5.40
C ALA A 28 -10.57 4.57 4.28
N GLU A 29 -9.53 4.85 3.46
CA GLU A 29 -9.59 5.83 2.36
C GLU A 29 -10.24 5.19 1.11
N GLY A 30 -10.05 3.87 0.95
CA GLY A 30 -10.53 3.11 -0.21
C GLY A 30 -9.41 2.74 -1.18
N GLU A 31 -8.17 3.07 -0.80
CA GLU A 31 -6.96 2.76 -1.57
C GLU A 31 -6.55 1.28 -1.38
N PRO A 32 -5.95 0.62 -2.44
CA PRO A 32 -5.54 -0.80 -2.36
C PRO A 32 -4.25 -0.98 -1.54
N VAL A 33 -4.37 -1.55 -0.33
CA VAL A 33 -3.23 -1.94 0.52
C VAL A 33 -3.02 -3.46 0.43
N CYS A 34 -1.75 -3.88 0.59
CA CYS A 34 -1.35 -5.29 0.48
C CYS A 34 -1.87 -6.14 1.66
N ASN A 35 -1.55 -7.45 1.62
CA ASN A 35 -1.85 -8.38 2.73
C ASN A 35 -1.13 -7.93 4.01
N ALA A 36 0.20 -7.70 3.88
CA ALA A 36 1.09 -7.28 4.99
C ALA A 36 0.57 -6.01 5.71
N CYS A 37 0.28 -4.96 4.91
CA CYS A 37 -0.24 -3.67 5.41
C CYS A 37 -1.67 -3.81 5.96
N GLY A 38 -2.43 -4.74 5.34
CA GLY A 38 -3.82 -5.01 5.68
C GLY A 38 -4.00 -5.84 6.93
N LEU A 39 -2.94 -6.60 7.32
CA LEU A 39 -2.91 -7.36 8.58
C LEU A 39 -2.76 -6.40 9.76
N TYR A 40 -1.87 -5.40 9.59
CA TYR A 40 -1.63 -4.36 10.61
C TYR A 40 -2.89 -3.48 10.75
N MET A 41 -3.54 -3.19 9.61
CA MET A 41 -4.76 -2.38 9.56
C MET A 41 -5.95 -3.12 10.18
N LYS A 42 -5.97 -4.45 10.02
CA LYS A 42 -6.99 -5.32 10.65
C LYS A 42 -6.90 -5.19 12.18
N LEU A 43 -5.65 -5.13 12.69
CA LEU A 43 -5.36 -5.05 14.11
C LEU A 43 -5.65 -3.64 14.69
N HIS A 44 -4.97 -2.61 14.14
CA HIS A 44 -4.83 -1.29 14.80
C HIS A 44 -5.54 -0.16 14.02
N GLY A 45 -6.18 -0.50 12.89
CA GLY A 45 -6.95 0.49 12.10
C GLY A 45 -6.08 1.25 11.08
N VAL A 46 -4.87 1.61 11.51
CA VAL A 46 -3.86 2.29 10.67
C VAL A 46 -2.96 1.25 9.95
N PRO A 47 -2.30 1.61 8.79
CA PRO A 47 -1.42 0.66 8.05
C PRO A 47 -0.04 0.51 8.74
N ARG A 48 0.85 -0.28 8.11
CA ARG A 48 2.20 -0.53 8.64
C ARG A 48 3.05 0.77 8.67
N PRO A 49 3.54 1.19 9.88
CA PRO A 49 4.39 2.38 10.06
C PRO A 49 5.79 2.14 9.46
N LEU A 50 6.00 2.63 8.24
CA LEU A 50 7.26 2.44 7.49
C LEU A 50 8.27 3.55 7.81
N ALA A 51 9.55 3.23 7.64
CA ALA A 51 10.63 4.22 7.62
C ALA A 51 10.60 5.00 6.28
N MET A 52 10.96 6.30 6.34
CA MET A 52 10.93 7.24 5.18
C MET A 52 9.46 7.65 4.83
N ARG A 53 8.49 7.22 5.67
CA ARG A 53 7.07 7.57 5.50
C ARG A 53 6.82 8.94 6.16
N LYS A 54 7.35 9.98 5.50
CA LYS A 54 7.23 11.38 5.93
C LYS A 54 6.60 12.22 4.81
N GLU A 55 6.13 13.43 5.15
CA GLU A 55 5.46 14.37 4.21
C GLU A 55 4.17 13.76 3.63
N GLY A 56 3.56 14.45 2.64
CA GLY A 56 2.28 14.01 2.07
C GLY A 56 1.12 14.19 3.06
N ILE A 57 0.25 13.16 3.16
CA ILE A 57 -0.97 13.16 3.99
C ILE A 57 -1.81 14.45 3.76
N GLN A 58 -2.79 14.36 2.84
CA GLN A 58 -3.52 15.52 2.32
C GLN A 58 -4.28 16.30 3.42
N THR A 59 -3.67 17.40 3.89
CA THR A 59 -4.33 18.36 4.79
C THR A 59 -5.06 19.40 3.92
N ARG A 60 -6.35 19.62 4.19
CA ARG A 60 -7.24 20.28 3.22
C ARG A 60 -8.20 21.27 3.91
N LYS A 61 -8.11 22.54 3.52
CA LYS A 61 -9.12 23.58 3.80
C LYS A 61 -9.83 23.93 2.48
N ARG A 62 -11.06 24.51 2.58
CA ARG A 62 -12.04 24.67 1.47
C ARG A 62 -12.72 23.32 1.13
N LYS A 63 -11.86 22.31 0.85
CA LYS A 63 -12.24 21.02 0.25
C LYS A 63 -12.66 21.26 -1.22
N SER A 1 -2.72 -19.38 -2.29
CA SER A 1 -1.67 -18.35 -2.19
C SER A 1 -0.33 -18.98 -1.75
N HIS A 2 0.79 -18.34 -2.12
CA HIS A 2 2.14 -18.81 -1.77
C HIS A 2 3.09 -17.60 -1.68
N MET A 3 4.20 -17.74 -0.93
CA MET A 3 5.17 -16.64 -0.68
C MET A 3 5.96 -16.30 -1.97
N SER A 4 6.21 -17.32 -2.80
CA SER A 4 6.79 -17.13 -4.14
C SER A 4 5.69 -16.57 -5.07
N ALA A 5 5.60 -15.23 -5.11
CA ALA A 5 4.60 -14.50 -5.90
C ALA A 5 4.96 -14.53 -7.40
N SER A 6 6.26 -14.25 -7.70
CA SER A 6 6.75 -14.04 -9.07
C SER A 6 5.93 -12.92 -9.75
N ARG A 7 6.10 -11.71 -9.22
CA ARG A 7 5.22 -10.56 -9.51
C ARG A 7 5.47 -9.93 -10.89
N ARG A 8 4.57 -9.03 -11.28
CA ARG A 8 4.69 -8.19 -12.48
C ARG A 8 4.38 -6.73 -12.09
N VAL A 9 4.41 -5.82 -13.07
CA VAL A 9 4.08 -4.41 -12.86
C VAL A 9 2.57 -4.22 -13.06
N GLY A 10 1.85 -3.85 -12.00
CA GLY A 10 0.41 -3.56 -12.06
C GLY A 10 0.01 -2.61 -10.96
N LEU A 11 -0.74 -3.11 -9.97
CA LEU A 11 -1.04 -2.37 -8.73
C LEU A 11 0.15 -2.49 -7.77
N SER A 12 0.30 -1.47 -6.93
CA SER A 12 1.27 -1.46 -5.84
C SER A 12 0.51 -1.05 -4.56
N CYS A 13 0.95 -1.57 -3.39
CA CYS A 13 0.42 -1.18 -2.06
C CYS A 13 0.49 0.34 -1.91
N ALA A 14 -0.69 0.97 -1.72
CA ALA A 14 -0.81 2.44 -1.62
C ALA A 14 0.03 3.04 -0.46
N ASN A 15 0.50 2.15 0.45
CA ASN A 15 1.35 2.52 1.58
C ASN A 15 2.82 2.11 1.28
N CYS A 16 3.13 0.79 1.30
CA CYS A 16 4.52 0.28 1.29
C CYS A 16 5.07 0.03 -0.14
N GLN A 17 4.20 0.23 -1.15
CA GLN A 17 4.51 0.09 -2.60
C GLN A 17 4.88 -1.35 -3.02
N THR A 18 4.71 -2.35 -2.14
CA THR A 18 5.00 -3.75 -2.48
C THR A 18 3.89 -4.27 -3.42
N THR A 19 4.33 -4.88 -4.53
CA THR A 19 3.43 -5.47 -5.55
C THR A 19 3.11 -6.94 -5.21
N THR A 20 3.91 -7.53 -4.29
CA THR A 20 3.78 -8.94 -3.89
C THR A 20 2.66 -9.13 -2.84
N THR A 21 1.47 -9.50 -3.34
CA THR A 21 0.32 -9.93 -2.54
C THR A 21 -0.76 -10.49 -3.48
N THR A 22 -1.45 -11.56 -3.05
CA THR A 22 -2.59 -12.11 -3.80
C THR A 22 -3.84 -11.28 -3.54
N LEU A 23 -4.15 -11.06 -2.25
CA LEU A 23 -5.32 -10.28 -1.84
C LEU A 23 -4.94 -8.79 -1.77
N TRP A 24 -5.32 -8.05 -2.83
CA TRP A 24 -5.30 -6.58 -2.82
C TRP A 24 -6.48 -6.10 -1.96
N ARG A 25 -6.18 -5.82 -0.70
CA ARG A 25 -7.18 -5.38 0.28
C ARG A 25 -7.49 -3.89 0.09
N ARG A 26 -8.51 -3.40 0.79
CA ARG A 26 -8.81 -1.97 0.87
C ARG A 26 -8.50 -1.49 2.29
N ASN A 27 -7.77 -0.37 2.38
CA ASN A 27 -7.55 0.31 3.65
C ASN A 27 -8.83 1.06 4.06
N ALA A 28 -8.79 1.75 5.22
CA ALA A 28 -9.96 2.46 5.80
C ALA A 28 -10.50 3.58 4.88
N GLU A 29 -9.70 3.98 3.88
CA GLU A 29 -10.09 4.97 2.85
C GLU A 29 -10.86 4.25 1.71
N GLY A 30 -10.21 3.21 1.14
CA GLY A 30 -10.69 2.49 -0.05
C GLY A 30 -9.60 2.28 -1.10
N GLU A 31 -8.35 2.57 -0.72
CA GLU A 31 -7.16 2.42 -1.60
C GLU A 31 -6.62 0.96 -1.56
N PRO A 32 -6.06 0.42 -2.72
CA PRO A 32 -5.54 -0.96 -2.78
C PRO A 32 -4.18 -1.11 -2.04
N VAL A 33 -4.24 -1.70 -0.84
CA VAL A 33 -3.05 -2.03 -0.04
C VAL A 33 -2.82 -3.55 -0.05
N CYS A 34 -1.58 -3.95 0.25
CA CYS A 34 -1.20 -5.36 0.36
C CYS A 34 -1.82 -5.99 1.62
N ASN A 35 -1.85 -7.34 1.65
CA ASN A 35 -2.39 -8.11 2.78
C ASN A 35 -1.56 -7.87 4.07
N ALA A 36 -0.24 -7.65 3.89
CA ALA A 36 0.69 -7.35 5.00
C ALA A 36 0.34 -6.01 5.71
N CYS A 37 -0.15 -5.02 4.93
CA CYS A 37 -0.58 -3.70 5.47
C CYS A 37 -2.03 -3.78 6.00
N GLY A 38 -2.87 -4.58 5.31
CA GLY A 38 -4.31 -4.70 5.60
C GLY A 38 -4.59 -5.39 6.93
N LEU A 39 -3.76 -6.41 7.26
CA LEU A 39 -3.82 -7.11 8.55
C LEU A 39 -3.50 -6.13 9.71
N TYR A 40 -2.45 -5.32 9.50
CA TYR A 40 -1.95 -4.36 10.51
C TYR A 40 -3.03 -3.29 10.82
N MET A 41 -3.77 -2.88 9.77
CA MET A 41 -4.86 -1.88 9.89
C MET A 41 -6.10 -2.49 10.57
N LYS A 42 -6.30 -3.81 10.40
CA LYS A 42 -7.40 -4.54 11.09
C LYS A 42 -7.06 -4.70 12.60
N LEU A 43 -5.77 -4.83 12.90
CA LEU A 43 -5.28 -5.00 14.29
C LEU A 43 -5.33 -3.67 15.08
N HIS A 44 -4.67 -2.63 14.53
CA HIS A 44 -4.37 -1.38 15.28
C HIS A 44 -5.10 -0.15 14.71
N GLY A 45 -5.86 -0.34 13.62
CA GLY A 45 -6.65 0.75 13.01
C GLY A 45 -5.81 1.83 12.32
N VAL A 46 -4.57 1.46 11.95
CA VAL A 46 -3.60 2.37 11.30
C VAL A 46 -2.75 1.60 10.26
N PRO A 47 -2.17 2.29 9.21
CA PRO A 47 -1.28 1.63 8.21
C PRO A 47 0.07 1.22 8.84
N ARG A 48 0.71 0.24 8.22
CA ARG A 48 1.96 -0.37 8.71
C ARG A 48 3.13 0.62 8.52
N PRO A 49 3.92 0.95 9.60
CA PRO A 49 4.98 2.00 9.53
C PRO A 49 6.11 1.63 8.54
N LEU A 50 6.66 2.64 7.85
CA LEU A 50 7.65 2.44 6.77
C LEU A 50 9.03 2.96 7.19
N ALA A 51 10.05 2.11 7.03
CA ALA A 51 11.46 2.49 7.24
C ALA A 51 11.97 3.26 6.02
N MET A 52 11.78 4.59 6.03
CA MET A 52 12.26 5.46 4.94
C MET A 52 13.77 5.67 5.07
N ARG A 53 14.51 4.74 4.45
CA ARG A 53 15.99 4.72 4.44
C ARG A 53 16.40 4.26 3.03
N LYS A 54 16.54 5.22 2.13
CA LYS A 54 16.75 4.99 0.70
C LYS A 54 17.65 6.07 0.12
N GLU A 55 18.30 5.74 -1.01
CA GLU A 55 19.19 6.64 -1.76
C GLU A 55 18.66 6.86 -3.19
N GLY A 56 17.33 6.72 -3.34
CA GLY A 56 16.67 6.91 -4.62
C GLY A 56 16.23 8.35 -4.83
N ILE A 57 17.13 9.20 -5.36
CA ILE A 57 16.80 10.58 -5.72
C ILE A 57 16.26 10.59 -7.17
N GLN A 58 14.92 10.66 -7.31
CA GLN A 58 14.23 10.69 -8.61
C GLN A 58 14.41 12.08 -9.25
N THR A 59 15.35 12.18 -10.20
CA THR A 59 15.61 13.42 -10.94
C THR A 59 14.73 13.48 -12.20
N ARG A 60 13.76 14.42 -12.23
CA ARG A 60 12.83 14.56 -13.37
C ARG A 60 13.36 15.65 -14.33
N LYS A 61 13.54 16.87 -13.78
CA LYS A 61 13.78 18.11 -14.55
C LYS A 61 12.66 18.32 -15.58
N ARG A 62 11.43 18.48 -15.03
CA ARG A 62 10.21 18.61 -15.83
C ARG A 62 10.10 20.05 -16.38
N LYS A 63 10.83 20.29 -17.49
CA LYS A 63 10.83 21.55 -18.23
C LYS A 63 11.48 21.27 -19.60
N SER A 1 9.51 -13.56 -4.66
CA SER A 1 8.96 -12.62 -5.65
C SER A 1 9.23 -11.17 -5.19
N HIS A 2 10.31 -10.56 -5.74
CA HIS A 2 10.70 -9.16 -5.48
C HIS A 2 11.72 -8.70 -6.54
N MET A 3 11.34 -8.87 -7.83
CA MET A 3 12.16 -8.40 -8.98
C MET A 3 12.06 -6.87 -9.10
N SER A 4 13.13 -6.25 -9.64
CA SER A 4 13.24 -4.80 -9.78
C SER A 4 12.28 -4.28 -10.89
N ALA A 5 11.05 -3.95 -10.48
CA ALA A 5 10.01 -3.41 -11.37
C ALA A 5 10.29 -1.93 -11.67
N SER A 6 10.52 -1.62 -12.97
CA SER A 6 10.78 -0.25 -13.44
C SER A 6 9.57 0.66 -13.19
N ARG A 7 8.40 0.20 -13.66
CA ARG A 7 7.11 0.87 -13.48
C ARG A 7 6.01 -0.13 -13.84
N ARG A 8 5.09 -0.37 -12.88
CA ARG A 8 3.93 -1.25 -13.08
C ARG A 8 2.67 -0.44 -13.41
N VAL A 9 1.60 -1.17 -13.79
CA VAL A 9 0.34 -0.57 -14.28
C VAL A 9 -0.55 -0.13 -13.08
N GLY A 10 -0.28 1.11 -12.59
CA GLY A 10 -1.15 1.80 -11.62
C GLY A 10 -1.04 1.30 -10.17
N LEU A 11 -1.57 0.08 -9.93
CA LEU A 11 -1.69 -0.48 -8.57
C LEU A 11 -0.32 -0.74 -7.92
N SER A 12 -0.09 -0.05 -6.81
CA SER A 12 0.99 -0.31 -5.86
C SER A 12 0.39 -0.21 -4.45
N CYS A 13 0.90 -1.02 -3.49
CA CYS A 13 0.50 -0.94 -2.07
C CYS A 13 0.70 0.50 -1.58
N ALA A 14 -0.42 1.25 -1.47
CA ALA A 14 -0.41 2.68 -1.13
C ALA A 14 0.30 3.00 0.20
N ASN A 15 0.49 1.95 1.02
CA ASN A 15 1.17 2.01 2.31
C ASN A 15 2.67 1.65 2.18
N CYS A 16 2.99 0.34 2.02
CA CYS A 16 4.39 -0.17 2.14
C CYS A 16 5.14 -0.12 0.79
N GLN A 17 4.41 0.25 -0.28
CA GLN A 17 4.94 0.44 -1.64
C GLN A 17 5.55 -0.85 -2.23
N THR A 18 4.66 -1.83 -2.54
CA THR A 18 5.04 -3.07 -3.22
C THR A 18 3.96 -3.43 -4.26
N THR A 19 4.41 -3.89 -5.43
CA THR A 19 3.55 -4.33 -6.51
C THR A 19 3.47 -5.88 -6.55
N THR A 20 4.43 -6.53 -5.87
CA THR A 20 4.53 -8.00 -5.81
C THR A 20 3.57 -8.59 -4.74
N THR A 21 2.29 -8.73 -5.13
CA THR A 21 1.25 -9.40 -4.34
C THR A 21 0.06 -9.74 -5.26
N THR A 22 -0.51 -10.95 -5.07
CA THR A 22 -1.69 -11.40 -5.82
C THR A 22 -2.97 -10.80 -5.20
N LEU A 23 -3.01 -10.79 -3.85
CA LEU A 23 -4.18 -10.32 -3.09
C LEU A 23 -4.07 -8.81 -2.83
N TRP A 24 -4.91 -8.04 -3.53
CA TRP A 24 -5.02 -6.58 -3.38
C TRP A 24 -6.23 -6.24 -2.52
N ARG A 25 -5.99 -6.10 -1.19
CA ARG A 25 -7.01 -5.65 -0.24
C ARG A 25 -7.19 -4.13 -0.33
N ARG A 26 -8.30 -3.63 0.22
CA ARG A 26 -8.54 -2.19 0.40
C ARG A 26 -8.44 -1.88 1.90
N ASN A 27 -7.67 -0.85 2.25
CA ASN A 27 -7.50 -0.42 3.65
C ASN A 27 -8.74 0.39 4.11
N ALA A 28 -8.71 0.97 5.32
CA ALA A 28 -9.86 1.66 5.94
C ALA A 28 -10.30 2.94 5.17
N GLU A 29 -9.42 3.43 4.27
CA GLU A 29 -9.68 4.61 3.42
C GLU A 29 -9.91 4.21 1.94
N GLY A 30 -9.85 2.89 1.65
CA GLY A 30 -10.27 2.35 0.35
C GLY A 30 -9.17 2.21 -0.68
N GLU A 31 -7.90 2.51 -0.32
CA GLU A 31 -6.77 2.41 -1.27
C GLU A 31 -6.24 0.97 -1.36
N PRO A 32 -5.78 0.52 -2.59
CA PRO A 32 -5.27 -0.85 -2.80
C PRO A 32 -3.91 -1.09 -2.08
N VAL A 33 -3.96 -1.89 -1.02
CA VAL A 33 -2.78 -2.32 -0.24
C VAL A 33 -2.66 -3.85 -0.31
N CYS A 34 -1.45 -4.36 -0.02
CA CYS A 34 -1.18 -5.79 0.10
C CYS A 34 -1.83 -6.37 1.38
N ASN A 35 -1.90 -7.72 1.45
CA ASN A 35 -2.61 -8.48 2.52
C ASN A 35 -2.22 -8.00 3.94
N ALA A 36 -0.90 -7.96 4.22
CA ALA A 36 -0.35 -7.66 5.55
C ALA A 36 -0.66 -6.22 6.01
N CYS A 37 -0.63 -5.25 5.06
CA CYS A 37 -0.91 -3.83 5.35
C CYS A 37 -2.37 -3.62 5.82
N GLY A 38 -3.28 -4.41 5.22
CA GLY A 38 -4.70 -4.39 5.57
C GLY A 38 -4.97 -5.00 6.95
N LEU A 39 -4.23 -6.09 7.27
CA LEU A 39 -4.31 -6.78 8.58
C LEU A 39 -3.85 -5.87 9.72
N TYR A 40 -2.86 -5.01 9.41
CA TYR A 40 -2.24 -4.11 10.40
C TYR A 40 -3.25 -3.02 10.84
N MET A 41 -4.19 -2.65 9.95
CA MET A 41 -5.27 -1.68 10.29
C MET A 41 -6.36 -2.35 11.13
N LYS A 42 -6.59 -3.65 10.85
CA LYS A 42 -7.57 -4.48 11.59
C LYS A 42 -7.15 -4.56 13.09
N LEU A 43 -5.84 -4.60 13.32
CA LEU A 43 -5.24 -4.66 14.66
C LEU A 43 -5.08 -3.25 15.30
N HIS A 44 -4.38 -2.35 14.59
CA HIS A 44 -3.80 -1.11 15.18
C HIS A 44 -4.50 0.17 14.70
N GLY A 45 -5.48 0.04 13.80
CA GLY A 45 -6.20 1.19 13.25
C GLY A 45 -5.50 1.79 12.04
N VAL A 46 -4.21 2.15 12.21
CA VAL A 46 -3.35 2.67 11.13
C VAL A 46 -2.72 1.49 10.33
N PRO A 47 -2.22 1.72 9.07
CA PRO A 47 -1.50 0.68 8.31
C PRO A 47 0.01 0.69 8.65
N ARG A 48 0.76 -0.26 8.04
CA ARG A 48 2.19 -0.49 8.34
C ARG A 48 3.06 0.78 8.08
N PRO A 49 3.59 1.45 9.14
CA PRO A 49 4.30 2.75 8.99
C PRO A 49 5.72 2.55 8.41
N LEU A 50 6.24 3.58 7.71
CA LEU A 50 7.58 3.55 7.09
C LEU A 50 8.50 4.60 7.75
N ALA A 51 9.76 4.65 7.31
CA ALA A 51 10.78 5.60 7.83
C ALA A 51 10.39 7.05 7.46
N MET A 52 10.00 7.24 6.20
CA MET A 52 9.36 8.49 5.76
C MET A 52 7.89 8.44 6.16
N ARG A 53 7.59 9.05 7.32
CA ARG A 53 6.22 9.08 7.90
C ARG A 53 5.41 10.29 7.39
N LYS A 54 5.98 11.04 6.40
CA LYS A 54 5.23 12.09 5.68
C LYS A 54 4.15 11.45 4.79
N GLU A 55 3.02 11.15 5.44
CA GLU A 55 1.84 10.52 4.84
C GLU A 55 0.83 11.57 4.34
N GLY A 56 1.26 12.85 4.30
CA GLY A 56 0.47 13.96 3.76
C GLY A 56 0.49 13.98 2.24
N ILE A 57 -0.07 12.93 1.64
CA ILE A 57 -0.08 12.70 0.19
C ILE A 57 -1.30 13.36 -0.47
N GLN A 58 -1.31 14.70 -0.43
CA GLN A 58 -2.33 15.52 -1.12
C GLN A 58 -1.99 15.65 -2.62
N THR A 59 -0.73 15.28 -2.97
CA THR A 59 -0.25 15.22 -4.35
C THR A 59 -1.04 14.15 -5.14
N ARG A 60 -2.10 14.59 -5.85
CA ARG A 60 -2.87 13.75 -6.76
C ARG A 60 -2.08 13.59 -8.08
N LYS A 61 -1.07 12.72 -8.03
CA LYS A 61 -0.31 12.28 -9.19
C LYS A 61 -0.98 11.00 -9.71
N ARG A 62 -2.14 11.21 -10.37
CA ARG A 62 -3.07 10.15 -10.80
C ARG A 62 -3.65 9.39 -9.58
N LYS A 63 -4.90 9.73 -9.20
CA LYS A 63 -5.58 9.08 -8.06
C LYS A 63 -6.99 8.61 -8.49
N SER A 1 7.42 8.67 -19.71
CA SER A 1 6.11 9.27 -20.02
C SER A 1 4.99 8.29 -19.67
N HIS A 2 4.00 8.76 -18.88
CA HIS A 2 2.86 7.93 -18.40
C HIS A 2 1.90 7.57 -19.55
N MET A 3 1.88 8.44 -20.59
CA MET A 3 1.03 8.26 -21.78
C MET A 3 1.40 6.99 -22.59
N SER A 4 2.66 6.53 -22.46
CA SER A 4 3.16 5.31 -23.10
C SER A 4 3.07 4.12 -22.11
N ALA A 5 1.88 3.52 -22.04
CA ALA A 5 1.61 2.31 -21.24
C ALA A 5 0.42 1.58 -21.89
N SER A 6 0.73 0.53 -22.68
CA SER A 6 -0.26 -0.24 -23.45
C SER A 6 -1.05 -1.20 -22.52
N ARG A 7 -2.01 -0.62 -21.75
CA ARG A 7 -2.82 -1.33 -20.72
C ARG A 7 -1.89 -2.00 -19.69
N ARG A 8 -1.27 -1.17 -18.84
CA ARG A 8 -0.31 -1.65 -17.83
C ARG A 8 -1.07 -2.29 -16.65
N VAL A 9 -0.94 -3.62 -16.53
CA VAL A 9 -1.64 -4.43 -15.51
C VAL A 9 -0.85 -4.42 -14.20
N GLY A 10 -1.58 -4.60 -13.08
CA GLY A 10 -0.97 -4.74 -11.76
C GLY A 10 -1.17 -3.50 -10.90
N LEU A 11 -1.65 -3.72 -9.66
CA LEU A 11 -1.75 -2.68 -8.62
C LEU A 11 -0.39 -2.53 -7.91
N SER A 12 -0.29 -1.52 -7.05
CA SER A 12 0.83 -1.33 -6.12
C SER A 12 0.23 -0.99 -4.76
N CYS A 13 0.74 -1.64 -3.69
CA CYS A 13 0.34 -1.37 -2.31
C CYS A 13 0.55 0.12 -1.99
N ALA A 14 -0.54 0.82 -1.66
CA ALA A 14 -0.47 2.25 -1.30
C ALA A 14 0.36 2.49 -0.02
N ASN A 15 0.55 1.40 0.76
CA ASN A 15 1.31 1.40 2.01
C ASN A 15 2.81 1.13 1.74
N CYS A 16 3.14 0.02 1.05
CA CYS A 16 4.53 -0.52 0.98
C CYS A 16 5.06 -0.66 -0.47
N GLN A 17 4.18 -0.36 -1.45
CA GLN A 17 4.51 -0.29 -2.89
C GLN A 17 4.98 -1.64 -3.50
N THR A 18 4.65 -2.75 -2.83
CA THR A 18 4.85 -4.10 -3.40
C THR A 18 3.70 -4.37 -4.40
N THR A 19 4.04 -4.91 -5.57
CA THR A 19 3.07 -5.20 -6.64
C THR A 19 2.68 -6.70 -6.62
N THR A 20 3.38 -7.49 -5.78
CA THR A 20 3.17 -8.95 -5.68
C THR A 20 2.41 -9.31 -4.38
N THR A 21 1.11 -9.65 -4.56
CA THR A 21 0.28 -10.32 -3.55
C THR A 21 -1.04 -10.77 -4.20
N THR A 22 -1.72 -11.72 -3.55
CA THR A 22 -3.02 -12.23 -4.00
C THR A 22 -4.16 -11.46 -3.29
N LEU A 23 -4.04 -11.35 -1.96
CA LEU A 23 -5.05 -10.69 -1.13
C LEU A 23 -4.78 -9.17 -1.11
N TRP A 24 -5.40 -8.47 -2.07
CA TRP A 24 -5.45 -7.01 -2.10
C TRP A 24 -6.64 -6.52 -1.28
N ARG A 25 -6.38 -5.92 -0.11
CA ARG A 25 -7.42 -5.25 0.70
C ARG A 25 -7.47 -3.77 0.34
N ARG A 26 -8.59 -3.11 0.65
CA ARG A 26 -8.72 -1.64 0.58
C ARG A 26 -8.81 -1.16 2.03
N ASN A 27 -7.85 -0.31 2.43
CA ASN A 27 -7.77 0.17 3.83
C ASN A 27 -8.91 1.18 4.14
N ALA A 28 -8.83 1.87 5.29
CA ALA A 28 -9.87 2.80 5.79
C ALA A 28 -10.21 3.91 4.77
N GLU A 29 -9.18 4.38 4.06
CA GLU A 29 -9.30 5.42 3.01
C GLU A 29 -9.87 4.82 1.71
N GLY A 30 -9.67 3.50 1.52
CA GLY A 30 -10.13 2.79 0.32
C GLY A 30 -9.02 2.54 -0.69
N GLU A 31 -7.76 2.78 -0.25
CA GLU A 31 -6.56 2.63 -1.10
C GLU A 31 -6.13 1.14 -1.17
N PRO A 32 -5.67 0.65 -2.36
CA PRO A 32 -5.33 -0.77 -2.57
C PRO A 32 -4.00 -1.15 -1.88
N VAL A 33 -4.12 -1.74 -0.68
CA VAL A 33 -2.97 -2.23 0.09
C VAL A 33 -2.87 -3.77 0.01
N CYS A 34 -1.66 -4.28 0.22
CA CYS A 34 -1.39 -5.74 0.25
C CYS A 34 -1.89 -6.38 1.56
N ASN A 35 -1.87 -7.73 1.60
CA ASN A 35 -2.30 -8.53 2.78
C ASN A 35 -1.52 -8.13 4.05
N ALA A 36 -0.18 -8.00 3.92
CA ALA A 36 0.72 -7.68 5.06
C ALA A 36 0.42 -6.30 5.69
N CYS A 37 -0.05 -5.37 4.85
CA CYS A 37 -0.42 -4.00 5.26
C CYS A 37 -1.88 -3.97 5.81
N GLY A 38 -2.75 -4.83 5.22
CA GLY A 38 -4.19 -4.87 5.54
C GLY A 38 -4.47 -5.53 6.88
N LEU A 39 -3.62 -6.51 7.27
CA LEU A 39 -3.70 -7.20 8.57
C LEU A 39 -3.30 -6.27 9.72
N TYR A 40 -2.42 -5.31 9.43
CA TYR A 40 -1.95 -4.31 10.41
C TYR A 40 -3.09 -3.33 10.72
N MET A 41 -3.83 -2.90 9.69
CA MET A 41 -5.01 -2.03 9.87
C MET A 41 -6.17 -2.82 10.52
N LYS A 42 -6.25 -4.13 10.23
CA LYS A 42 -7.24 -5.03 10.85
C LYS A 42 -7.05 -5.01 12.39
N LEU A 43 -5.78 -5.11 12.80
CA LEU A 43 -5.39 -5.26 14.22
C LEU A 43 -5.23 -3.92 14.96
N HIS A 44 -4.81 -2.85 14.26
CA HIS A 44 -4.39 -1.56 14.91
C HIS A 44 -5.18 -0.35 14.40
N GLY A 45 -5.98 -0.52 13.34
CA GLY A 45 -6.82 0.57 12.80
C GLY A 45 -6.08 1.46 11.80
N VAL A 46 -4.78 1.69 12.06
CA VAL A 46 -3.90 2.50 11.19
C VAL A 46 -3.08 1.59 10.26
N PRO A 47 -2.58 2.10 9.07
CA PRO A 47 -1.70 1.30 8.17
C PRO A 47 -0.24 1.25 8.69
N ARG A 48 0.60 0.42 8.06
CA ARG A 48 2.01 0.25 8.44
C ARG A 48 2.82 1.55 8.18
N PRO A 49 3.37 2.19 9.24
CA PRO A 49 4.22 3.39 9.12
C PRO A 49 5.68 2.99 8.79
N LEU A 50 6.09 3.19 7.53
CA LEU A 50 7.42 2.82 7.02
C LEU A 50 8.51 3.84 7.43
N ALA A 51 9.72 3.64 6.88
CA ALA A 51 10.86 4.56 7.06
C ALA A 51 10.68 5.85 6.21
N MET A 52 11.63 6.79 6.35
CA MET A 52 11.61 8.07 5.62
C MET A 52 12.02 7.85 4.15
N ARG A 53 11.03 7.43 3.34
CA ARG A 53 11.16 7.33 1.88
C ARG A 53 10.27 8.41 1.25
N LYS A 54 10.90 9.46 0.71
CA LYS A 54 10.20 10.59 0.08
C LYS A 54 10.49 10.64 -1.44
N GLU A 55 11.02 9.53 -1.97
CA GLU A 55 11.18 9.33 -3.42
C GLU A 55 9.81 9.02 -4.04
N GLY A 56 9.04 10.08 -4.31
CA GLY A 56 7.71 9.98 -4.89
C GLY A 56 6.85 11.19 -4.56
N ILE A 57 5.87 11.00 -3.65
CA ILE A 57 4.80 11.99 -3.34
C ILE A 57 4.05 12.33 -4.65
N GLN A 58 3.20 11.38 -5.05
CA GLN A 58 2.32 11.49 -6.20
C GLN A 58 0.92 11.10 -5.73
N THR A 59 -0.09 11.89 -6.09
CA THR A 59 -1.48 11.67 -5.68
C THR A 59 -2.04 10.40 -6.36
N ARG A 60 -2.08 9.30 -5.59
CA ARG A 60 -2.72 8.04 -6.01
C ARG A 60 -4.23 8.25 -5.85
N LYS A 61 -4.81 8.90 -6.86
CA LYS A 61 -6.22 9.28 -6.90
C LYS A 61 -6.66 9.28 -8.36
N ARG A 62 -7.06 8.09 -8.85
CA ARG A 62 -7.50 7.91 -10.23
C ARG A 62 -8.43 6.70 -10.31
N LYS A 63 -9.61 6.90 -10.89
CA LYS A 63 -10.62 5.86 -11.10
C LYS A 63 -10.52 5.37 -12.55
N SER A 1 10.68 -15.69 -21.16
CA SER A 1 9.74 -16.43 -22.01
C SER A 1 8.38 -15.72 -22.04
N HIS A 2 7.51 -16.13 -22.99
CA HIS A 2 6.16 -15.57 -23.19
C HIS A 2 5.07 -16.48 -22.59
N MET A 3 5.51 -17.53 -21.84
CA MET A 3 4.60 -18.56 -21.26
C MET A 3 3.53 -17.91 -20.35
N SER A 4 3.99 -16.92 -19.57
CA SER A 4 3.15 -16.07 -18.73
C SER A 4 3.83 -14.68 -18.64
N ALA A 5 3.91 -14.01 -19.80
CA ALA A 5 4.55 -12.68 -19.94
C ALA A 5 3.68 -11.61 -19.23
N SER A 6 3.98 -11.35 -17.95
CA SER A 6 3.23 -10.39 -17.12
C SER A 6 4.19 -9.58 -16.23
N ARG A 7 4.60 -8.41 -16.75
CA ARG A 7 5.27 -7.36 -15.96
C ARG A 7 4.40 -6.09 -15.96
N ARG A 8 3.44 -6.04 -16.91
CA ARG A 8 2.54 -4.88 -17.12
C ARG A 8 1.14 -5.21 -16.57
N VAL A 9 0.39 -4.15 -16.21
CA VAL A 9 -0.95 -4.23 -15.58
C VAL A 9 -0.86 -4.92 -14.21
N GLY A 10 -0.59 -4.12 -13.17
CA GLY A 10 -0.46 -4.60 -11.81
C GLY A 10 -0.72 -3.50 -10.80
N LEU A 11 -1.46 -3.82 -9.72
CA LEU A 11 -1.71 -2.89 -8.60
C LEU A 11 -0.45 -2.75 -7.73
N SER A 12 -0.37 -1.63 -6.98
CA SER A 12 0.68 -1.38 -6.00
C SER A 12 0.03 -1.04 -4.63
N CYS A 13 0.60 -1.62 -3.55
CA CYS A 13 0.18 -1.34 -2.18
C CYS A 13 0.36 0.14 -1.87
N ALA A 14 -0.74 0.86 -1.70
CA ALA A 14 -0.74 2.32 -1.40
C ALA A 14 0.11 2.67 -0.16
N ASN A 15 0.34 1.66 0.68
CA ASN A 15 1.15 1.74 1.89
C ASN A 15 2.66 1.56 1.54
N CYS A 16 3.02 0.44 0.88
CA CYS A 16 4.44 -0.01 0.71
C CYS A 16 4.90 -0.12 -0.75
N GLN A 17 3.95 -0.44 -1.67
CA GLN A 17 4.20 -0.58 -3.15
C GLN A 17 5.15 -1.76 -3.47
N THR A 18 5.05 -2.82 -2.65
CA THR A 18 5.78 -4.08 -2.85
C THR A 18 5.29 -4.81 -4.14
N THR A 19 4.01 -4.56 -4.51
CA THR A 19 3.27 -5.17 -5.65
C THR A 19 2.97 -6.68 -5.46
N THR A 20 3.98 -7.47 -5.06
CA THR A 20 3.81 -8.89 -4.70
C THR A 20 3.06 -9.02 -3.36
N THR A 21 1.89 -9.70 -3.37
CA THR A 21 1.07 -9.90 -2.15
C THR A 21 0.05 -11.05 -2.35
N THR A 22 -0.39 -11.64 -1.22
CA THR A 22 -1.37 -12.73 -1.20
C THR A 22 -2.81 -12.19 -1.41
N LEU A 23 -3.07 -10.97 -0.91
CA LEU A 23 -4.41 -10.35 -0.94
C LEU A 23 -4.31 -8.83 -1.01
N TRP A 24 -5.11 -8.21 -1.91
CA TRP A 24 -5.30 -6.75 -1.95
C TRP A 24 -6.49 -6.37 -1.06
N ARG A 25 -6.18 -5.94 0.17
CA ARG A 25 -7.17 -5.36 1.10
C ARG A 25 -7.35 -3.86 0.77
N ARG A 26 -8.33 -3.22 1.42
CA ARG A 26 -8.61 -1.77 1.27
C ARG A 26 -8.30 -1.05 2.59
N ASN A 27 -8.38 0.27 2.58
CA ASN A 27 -8.44 1.09 3.81
C ASN A 27 -9.70 1.97 3.80
N ALA A 28 -9.81 2.90 4.77
CA ALA A 28 -10.99 3.77 4.94
C ALA A 28 -11.24 4.69 3.73
N GLU A 29 -10.17 5.01 2.99
CA GLU A 29 -10.21 5.83 1.76
C GLU A 29 -10.10 4.95 0.49
N GLY A 30 -10.39 3.63 0.64
CA GLY A 30 -10.55 2.72 -0.50
C GLY A 30 -9.25 2.18 -1.10
N GLU A 31 -8.11 2.87 -0.88
CA GLU A 31 -6.84 2.60 -1.59
C GLU A 31 -6.34 1.15 -1.34
N PRO A 32 -5.88 0.44 -2.42
CA PRO A 32 -5.51 -1.00 -2.35
C PRO A 32 -4.16 -1.22 -1.61
N VAL A 33 -4.24 -1.64 -0.36
CA VAL A 33 -3.07 -2.03 0.45
C VAL A 33 -2.86 -3.55 0.36
N CYS A 34 -1.63 -4.00 0.55
CA CYS A 34 -1.27 -5.43 0.53
C CYS A 34 -1.77 -6.13 1.81
N ASN A 35 -1.73 -7.48 1.81
CA ASN A 35 -2.16 -8.33 2.94
C ASN A 35 -1.42 -7.95 4.24
N ALA A 36 -0.09 -7.73 4.15
CA ALA A 36 0.76 -7.40 5.31
C ALA A 36 0.34 -6.05 5.96
N CYS A 37 -0.02 -5.08 5.11
CA CYS A 37 -0.45 -3.71 5.54
C CYS A 37 -1.90 -3.73 6.08
N GLY A 38 -2.74 -4.57 5.44
CA GLY A 38 -4.17 -4.62 5.77
C GLY A 38 -4.47 -5.46 7.01
N LEU A 39 -3.62 -6.46 7.26
CA LEU A 39 -3.68 -7.28 8.49
C LEU A 39 -3.23 -6.45 9.68
N TYR A 40 -2.30 -5.50 9.43
CA TYR A 40 -1.87 -4.51 10.43
C TYR A 40 -3.05 -3.57 10.78
N MET A 41 -3.86 -3.23 9.74
CA MET A 41 -5.08 -2.42 9.91
C MET A 41 -6.21 -3.21 10.59
N LYS A 42 -6.20 -4.54 10.43
CA LYS A 42 -7.18 -5.42 11.10
C LYS A 42 -6.87 -5.51 12.61
N LEU A 43 -5.59 -5.71 12.90
CA LEU A 43 -5.07 -5.90 14.26
C LEU A 43 -5.00 -4.57 15.03
N HIS A 44 -4.82 -3.44 14.30
CA HIS A 44 -4.62 -2.10 14.92
C HIS A 44 -5.58 -1.08 14.30
N GLY A 45 -5.35 -0.68 13.03
CA GLY A 45 -6.22 0.28 12.35
C GLY A 45 -5.48 1.18 11.38
N VAL A 46 -4.27 1.59 11.77
CA VAL A 46 -3.44 2.55 11.00
C VAL A 46 -2.57 1.80 9.95
N PRO A 47 -2.03 2.52 8.91
CA PRO A 47 -1.06 1.91 7.96
C PRO A 47 0.25 1.47 8.64
N ARG A 48 0.91 0.48 8.02
CA ARG A 48 2.16 -0.09 8.51
C ARG A 48 3.28 0.98 8.48
N PRO A 49 3.89 1.35 9.66
CA PRO A 49 4.95 2.38 9.75
C PRO A 49 6.20 2.00 8.93
N LEU A 50 6.40 2.70 7.81
CA LEU A 50 7.61 2.57 6.98
C LEU A 50 8.57 3.74 7.28
N ALA A 51 8.17 4.95 6.86
CA ALA A 51 8.99 6.16 6.98
C ALA A 51 8.09 7.36 7.27
N MET A 52 8.26 7.96 8.46
CA MET A 52 7.44 9.10 8.93
C MET A 52 8.11 10.42 8.51
N ARG A 53 7.39 11.24 7.73
CA ARG A 53 7.82 12.61 7.38
C ARG A 53 6.92 13.62 8.10
N LYS A 54 7.55 14.59 8.80
CA LYS A 54 6.86 15.77 9.33
C LYS A 54 6.65 16.72 8.12
N GLU A 55 5.66 16.36 7.30
CA GLU A 55 5.42 16.97 5.99
C GLU A 55 4.14 17.82 6.08
N GLY A 56 4.34 19.15 6.20
CA GLY A 56 3.24 20.11 6.34
C GLY A 56 2.49 20.34 5.03
N ILE A 57 1.67 19.35 4.65
CA ILE A 57 0.89 19.37 3.41
C ILE A 57 -0.53 18.86 3.70
N GLN A 58 -1.53 19.45 3.00
CA GLN A 58 -2.90 18.92 3.00
C GLN A 58 -2.94 17.74 2.02
N THR A 59 -3.01 16.53 2.59
CA THR A 59 -3.01 15.28 1.81
C THR A 59 -4.38 14.99 1.16
N ARG A 60 -5.30 15.96 1.22
CA ARG A 60 -6.60 15.87 0.53
C ARG A 60 -6.41 16.18 -0.96
N LYS A 61 -6.10 15.14 -1.75
CA LYS A 61 -6.09 15.20 -3.22
C LYS A 61 -6.32 13.81 -3.83
N ARG A 62 -6.99 12.92 -3.04
CA ARG A 62 -7.38 11.58 -3.51
C ARG A 62 -8.54 11.75 -4.51
N LYS A 63 -9.67 12.31 -4.00
CA LYS A 63 -10.92 12.51 -4.77
C LYS A 63 -11.56 11.14 -5.14
N SER A 1 9.63 13.30 -26.94
CA SER A 1 8.24 13.47 -27.43
C SER A 1 7.27 13.09 -26.31
N HIS A 2 6.43 14.05 -25.87
CA HIS A 2 5.39 13.82 -24.86
C HIS A 2 4.28 12.88 -25.42
N MET A 3 4.55 11.58 -25.31
CA MET A 3 3.65 10.50 -25.68
C MET A 3 4.15 9.25 -24.96
N SER A 4 3.34 8.73 -24.04
CA SER A 4 3.72 7.58 -23.22
C SER A 4 2.47 6.73 -22.94
N ALA A 5 2.26 5.69 -23.77
CA ALA A 5 1.11 4.78 -23.67
C ALA A 5 1.18 3.96 -22.37
N SER A 6 0.06 3.92 -21.61
CA SER A 6 0.01 3.28 -20.28
C SER A 6 0.19 1.74 -20.35
N ARG A 7 1.43 1.30 -20.16
CA ARG A 7 1.80 -0.11 -20.00
C ARG A 7 2.18 -0.30 -18.53
N ARG A 8 1.21 -0.72 -17.70
CA ARG A 8 1.44 -0.92 -16.25
C ARG A 8 1.71 -2.39 -15.95
N VAL A 9 2.60 -2.63 -14.97
CA VAL A 9 2.90 -3.98 -14.46
C VAL A 9 1.71 -4.49 -13.61
N GLY A 10 0.93 -3.55 -13.03
CA GLY A 10 -0.33 -3.88 -12.36
C GLY A 10 -0.70 -2.86 -11.28
N LEU A 11 -0.70 -3.30 -10.01
CA LEU A 11 -0.99 -2.46 -8.84
C LEU A 11 0.26 -2.33 -7.95
N SER A 12 0.19 -1.35 -7.03
CA SER A 12 1.16 -1.21 -5.94
C SER A 12 0.39 -0.86 -4.66
N CYS A 13 0.87 -1.35 -3.50
CA CYS A 13 0.29 -1.11 -2.17
C CYS A 13 0.17 0.39 -1.88
N ALA A 14 -1.05 0.87 -1.61
CA ALA A 14 -1.28 2.29 -1.27
C ALA A 14 -0.94 2.55 0.22
N ASN A 15 0.34 2.32 0.55
CA ASN A 15 0.91 2.44 1.90
C ASN A 15 2.43 2.20 1.80
N CYS A 16 2.82 0.95 1.48
CA CYS A 16 4.24 0.53 1.44
C CYS A 16 4.78 0.50 0.01
N GLN A 17 3.87 0.64 -0.99
CA GLN A 17 4.19 0.79 -2.44
C GLN A 17 4.85 -0.48 -3.06
N THR A 18 4.76 -1.62 -2.34
CA THR A 18 5.25 -2.90 -2.84
C THR A 18 4.26 -3.47 -3.88
N THR A 19 4.80 -4.05 -4.95
CA THR A 19 4.00 -4.68 -6.00
C THR A 19 3.72 -6.15 -5.68
N THR A 20 4.51 -6.73 -4.74
CA THR A 20 4.35 -8.12 -4.30
C THR A 20 3.39 -8.20 -3.09
N THR A 21 2.61 -9.29 -3.06
CA THR A 21 1.67 -9.59 -1.96
C THR A 21 1.00 -10.97 -2.22
N THR A 22 0.16 -11.40 -1.27
CA THR A 22 -0.71 -12.56 -1.43
C THR A 22 -2.13 -12.09 -1.87
N LEU A 23 -2.73 -11.18 -1.08
CA LEU A 23 -4.05 -10.55 -1.40
C LEU A 23 -3.95 -9.02 -1.46
N TRP A 24 -5.01 -8.41 -2.00
CA TRP A 24 -5.15 -6.93 -2.06
C TRP A 24 -6.36 -6.52 -1.21
N ARG A 25 -6.08 -5.97 -0.01
CA ARG A 25 -7.10 -5.47 0.92
C ARG A 25 -7.35 -3.97 0.68
N ARG A 26 -8.36 -3.41 1.37
CA ARG A 26 -8.67 -1.98 1.33
C ARG A 26 -8.29 -1.36 2.68
N ASN A 27 -7.59 -0.20 2.65
CA ASN A 27 -7.33 0.61 3.84
C ASN A 27 -8.58 1.46 4.21
N ALA A 28 -8.44 2.39 5.16
CA ALA A 28 -9.53 3.30 5.61
C ALA A 28 -10.02 4.21 4.46
N GLU A 29 -9.11 4.50 3.51
CA GLU A 29 -9.38 5.36 2.36
C GLU A 29 -9.99 4.55 1.18
N GLY A 30 -10.07 3.21 1.35
CA GLY A 30 -10.63 2.30 0.34
C GLY A 30 -9.63 1.95 -0.76
N GLU A 31 -8.36 2.29 -0.53
CA GLU A 31 -7.28 2.13 -1.50
C GLU A 31 -6.67 0.70 -1.43
N PRO A 32 -6.22 0.13 -2.59
CA PRO A 32 -5.67 -1.25 -2.65
C PRO A 32 -4.28 -1.35 -1.99
N VAL A 33 -4.27 -1.69 -0.70
CA VAL A 33 -3.05 -2.01 0.05
C VAL A 33 -2.81 -3.52 -0.01
N CYS A 34 -1.54 -3.92 0.16
CA CYS A 34 -1.15 -5.33 0.23
C CYS A 34 -1.75 -6.00 1.49
N ASN A 35 -1.81 -7.35 1.46
CA ASN A 35 -2.38 -8.17 2.55
C ASN A 35 -1.76 -7.82 3.92
N ALA A 36 -0.43 -7.61 3.92
CA ALA A 36 0.34 -7.30 5.15
C ALA A 36 -0.05 -5.94 5.78
N CYS A 37 -0.25 -4.91 4.91
CA CYS A 37 -0.61 -3.54 5.35
C CYS A 37 -2.07 -3.48 5.85
N GLY A 38 -2.95 -4.27 5.19
CA GLY A 38 -4.37 -4.36 5.56
C GLY A 38 -4.60 -5.20 6.81
N LEU A 39 -3.74 -6.21 7.01
CA LEU A 39 -3.70 -7.06 8.21
C LEU A 39 -3.34 -6.18 9.43
N TYR A 40 -2.32 -5.32 9.22
CA TYR A 40 -1.82 -4.39 10.25
C TYR A 40 -2.92 -3.38 10.64
N MET A 41 -3.66 -2.89 9.63
CA MET A 41 -4.81 -1.98 9.82
C MET A 41 -5.99 -2.69 10.49
N LYS A 42 -6.15 -3.99 10.21
CA LYS A 42 -7.24 -4.80 10.80
C LYS A 42 -6.97 -5.04 12.31
N LEU A 43 -5.68 -5.05 12.68
CA LEU A 43 -5.24 -5.20 14.06
C LEU A 43 -5.34 -3.87 14.83
N HIS A 44 -4.72 -2.81 14.28
CA HIS A 44 -4.37 -1.57 15.02
C HIS A 44 -5.21 -0.35 14.58
N GLY A 45 -6.02 -0.50 13.51
CA GLY A 45 -6.82 0.61 12.96
C GLY A 45 -6.03 1.43 11.94
N VAL A 46 -4.76 1.73 12.25
CA VAL A 46 -3.84 2.45 11.37
C VAL A 46 -3.03 1.44 10.52
N PRO A 47 -2.51 1.84 9.30
CA PRO A 47 -1.76 0.92 8.41
C PRO A 47 -0.29 0.74 8.86
N ARG A 48 0.51 -0.01 8.08
CA ARG A 48 1.89 -0.38 8.46
C ARG A 48 2.86 0.80 8.24
N PRO A 49 3.44 1.41 9.33
CA PRO A 49 4.43 2.49 9.21
C PRO A 49 5.84 1.93 8.88
N LEU A 50 6.35 2.28 7.69
CA LEU A 50 7.71 1.93 7.25
C LEU A 50 8.72 2.77 8.06
N ALA A 51 8.49 4.09 8.01
CA ALA A 51 9.32 5.13 8.64
C ALA A 51 8.61 6.46 8.45
N MET A 52 8.21 6.70 7.18
CA MET A 52 7.52 7.92 6.75
C MET A 52 6.09 7.97 7.35
N ARG A 53 5.85 8.99 8.19
CA ARG A 53 4.55 9.24 8.85
C ARG A 53 4.33 10.75 8.95
N LYS A 54 5.40 11.45 9.41
CA LYS A 54 5.44 12.92 9.53
C LYS A 54 4.36 13.44 10.50
N GLU A 55 4.62 13.20 11.81
CA GLU A 55 3.79 13.66 12.94
C GLU A 55 2.48 12.84 13.09
N GLY A 56 2.17 12.47 14.34
CA GLY A 56 1.01 11.66 14.66
C GLY A 56 -0.24 12.46 15.01
N ILE A 57 -0.08 13.73 15.44
CA ILE A 57 -1.23 14.58 15.86
C ILE A 57 -1.90 15.27 14.62
N GLN A 58 -2.40 14.43 13.70
CA GLN A 58 -3.06 14.90 12.46
C GLN A 58 -4.44 15.51 12.81
N THR A 59 -4.83 16.55 12.04
CA THR A 59 -6.12 17.25 12.23
C THR A 59 -7.32 16.31 11.99
N ARG A 60 -7.11 15.22 11.22
CA ARG A 60 -8.10 14.17 11.03
C ARG A 60 -8.12 13.23 12.26
N LYS A 61 -9.05 13.51 13.21
CA LYS A 61 -9.32 12.59 14.32
C LYS A 61 -10.38 11.59 13.84
N ARG A 62 -10.01 10.30 13.85
CA ARG A 62 -10.84 9.20 13.34
C ARG A 62 -12.14 9.02 14.19
N LYS A 63 -13.22 9.70 13.71
CA LYS A 63 -14.62 9.54 14.18
C LYS A 63 -14.79 9.54 15.74
N SER A 1 21.82 -7.27 -11.90
CA SER A 1 20.93 -8.25 -12.54
C SER A 1 20.52 -7.72 -13.93
N HIS A 2 21.23 -8.20 -14.98
CA HIS A 2 20.96 -7.78 -16.38
C HIS A 2 19.80 -8.59 -16.98
N MET A 3 18.58 -8.27 -16.52
CA MET A 3 17.32 -8.81 -17.01
C MET A 3 16.21 -7.83 -16.70
N SER A 4 15.28 -7.65 -17.65
CA SER A 4 14.14 -6.75 -17.52
C SER A 4 12.93 -7.37 -18.26
N ALA A 5 11.77 -7.39 -17.59
CA ALA A 5 10.54 -8.02 -18.11
C ALA A 5 9.30 -7.47 -17.38
N SER A 6 8.11 -7.80 -17.91
CA SER A 6 6.82 -7.51 -17.25
C SER A 6 6.60 -8.56 -16.15
N ARG A 7 6.94 -8.19 -14.91
CA ARG A 7 7.07 -9.12 -13.77
C ARG A 7 5.75 -9.22 -12.96
N ARG A 8 4.61 -8.93 -13.64
CA ARG A 8 3.25 -8.98 -13.07
C ARG A 8 3.06 -7.96 -11.93
N VAL A 9 3.78 -6.84 -12.04
CA VAL A 9 3.60 -5.68 -11.15
C VAL A 9 2.37 -4.88 -11.64
N GLY A 10 1.18 -5.37 -11.23
CA GLY A 10 -0.10 -4.80 -11.65
C GLY A 10 -0.48 -3.59 -10.81
N LEU A 11 -0.99 -3.85 -9.60
CA LEU A 11 -1.33 -2.80 -8.64
C LEU A 11 -0.11 -2.47 -7.75
N SER A 12 -0.21 -1.36 -7.01
CA SER A 12 0.78 -0.97 -6.00
C SER A 12 0.08 -0.84 -4.64
N CYS A 13 0.71 -1.35 -3.57
CA CYS A 13 0.26 -1.13 -2.18
C CYS A 13 0.25 0.37 -1.90
N ALA A 14 -0.93 0.93 -1.62
CA ALA A 14 -1.11 2.39 -1.40
C ALA A 14 -0.72 2.81 0.03
N ASN A 15 0.53 2.43 0.40
CA ASN A 15 1.15 2.74 1.68
C ASN A 15 2.64 2.33 1.57
N CYS A 16 2.91 1.00 1.70
CA CYS A 16 4.30 0.47 1.72
C CYS A 16 4.87 0.33 0.29
N GLN A 17 3.95 0.29 -0.72
CA GLN A 17 4.30 0.32 -2.17
C GLN A 17 5.17 -0.88 -2.59
N THR A 18 4.98 -2.02 -1.87
CA THR A 18 5.74 -3.27 -2.12
C THR A 18 5.43 -3.87 -3.51
N THR A 19 4.18 -3.61 -3.99
CA THR A 19 3.62 -4.07 -5.29
C THR A 19 3.50 -5.62 -5.37
N THR A 20 4.65 -6.30 -5.39
CA THR A 20 4.75 -7.76 -5.53
C THR A 20 4.19 -8.49 -4.27
N THR A 21 2.86 -8.71 -4.28
CA THR A 21 2.14 -9.45 -3.21
C THR A 21 1.11 -10.39 -3.86
N THR A 22 0.62 -11.37 -3.08
CA THR A 22 -0.38 -12.35 -3.54
C THR A 22 -1.80 -11.77 -3.45
N LEU A 23 -2.11 -11.18 -2.28
CA LEU A 23 -3.48 -10.76 -1.94
C LEU A 23 -3.53 -9.24 -1.64
N TRP A 24 -4.61 -8.60 -2.11
CA TRP A 24 -4.86 -7.15 -1.94
C TRP A 24 -5.99 -6.91 -0.92
N ARG A 25 -6.01 -5.68 -0.38
CA ARG A 25 -6.93 -5.22 0.68
C ARG A 25 -7.39 -3.79 0.36
N ARG A 26 -8.40 -3.31 1.09
CA ARG A 26 -8.87 -1.92 1.00
C ARG A 26 -8.62 -1.25 2.38
N ASN A 27 -7.82 -0.16 2.42
CA ASN A 27 -7.53 0.55 3.70
C ASN A 27 -8.69 1.50 4.10
N ALA A 28 -8.44 2.41 5.08
CA ALA A 28 -9.44 3.37 5.60
C ALA A 28 -10.09 4.22 4.48
N GLU A 29 -9.27 4.63 3.49
CA GLU A 29 -9.74 5.30 2.27
C GLU A 29 -10.45 4.31 1.34
N GLY A 30 -9.82 3.15 1.16
CA GLY A 30 -10.30 2.11 0.22
C GLY A 30 -9.32 1.87 -0.92
N GLU A 31 -8.12 2.46 -0.83
CA GLU A 31 -7.06 2.26 -1.83
C GLU A 31 -6.42 0.84 -1.68
N PRO A 32 -5.98 0.20 -2.81
CA PRO A 32 -5.46 -1.19 -2.78
C PRO A 32 -4.09 -1.29 -2.06
N VAL A 33 -4.14 -1.66 -0.78
CA VAL A 33 -2.93 -1.96 0.03
C VAL A 33 -2.73 -3.48 0.07
N CYS A 34 -1.47 -3.92 0.22
CA CYS A 34 -1.13 -5.35 0.31
C CYS A 34 -1.74 -5.99 1.56
N ASN A 35 -1.80 -7.34 1.55
CA ASN A 35 -2.36 -8.16 2.66
C ASN A 35 -1.73 -7.78 4.02
N ALA A 36 -0.39 -7.59 4.03
CA ALA A 36 0.38 -7.27 5.25
C ALA A 36 -0.01 -5.89 5.86
N CYS A 37 -0.44 -4.95 5.00
CA CYS A 37 -0.83 -3.58 5.41
C CYS A 37 -2.29 -3.53 5.89
N GLY A 38 -3.17 -4.28 5.20
CA GLY A 38 -4.59 -4.33 5.52
C GLY A 38 -4.88 -5.10 6.80
N LEU A 39 -4.12 -6.20 7.00
CA LEU A 39 -4.14 -7.02 8.23
C LEU A 39 -3.66 -6.18 9.42
N TYR A 40 -2.69 -5.28 9.15
CA TYR A 40 -2.11 -4.39 10.16
C TYR A 40 -3.17 -3.38 10.66
N MET A 41 -4.06 -2.94 9.75
CA MET A 41 -5.19 -2.04 10.08
C MET A 41 -6.30 -2.80 10.83
N LYS A 42 -6.39 -4.11 10.57
CA LYS A 42 -7.34 -5.00 11.25
C LYS A 42 -6.89 -5.24 12.72
N LEU A 43 -5.56 -5.18 12.94
CA LEU A 43 -4.94 -5.35 14.26
C LEU A 43 -4.97 -4.05 15.09
N HIS A 44 -4.54 -2.93 14.47
CA HIS A 44 -4.19 -1.68 15.18
C HIS A 44 -5.08 -0.49 14.79
N GLY A 45 -5.68 -0.55 13.59
CA GLY A 45 -6.50 0.56 13.06
C GLY A 45 -5.73 1.45 12.11
N VAL A 46 -4.41 1.57 12.34
CA VAL A 46 -3.50 2.35 11.48
C VAL A 46 -2.79 1.43 10.44
N PRO A 47 -2.32 1.99 9.28
CA PRO A 47 -1.53 1.22 8.28
C PRO A 47 -0.11 0.88 8.79
N ARG A 48 0.61 0.07 8.00
CA ARG A 48 1.95 -0.44 8.38
C ARG A 48 3.00 0.69 8.21
N PRO A 49 3.54 1.25 9.35
CA PRO A 49 4.30 2.54 9.33
C PRO A 49 5.67 2.43 8.61
N LEU A 50 5.96 3.44 7.78
CA LEU A 50 7.24 3.57 7.07
C LEU A 50 8.13 4.59 7.81
N ALA A 51 7.57 5.79 8.01
CA ALA A 51 8.29 6.93 8.62
C ALA A 51 7.29 7.94 9.22
N MET A 52 7.83 9.08 9.69
CA MET A 52 7.03 10.23 10.18
C MET A 52 7.65 11.53 9.65
N ARG A 53 7.61 11.67 8.31
CA ARG A 53 8.07 12.86 7.57
C ARG A 53 7.16 13.09 6.35
N LYS A 54 6.64 11.98 5.79
CA LYS A 54 6.10 11.96 4.41
C LYS A 54 4.70 11.30 4.39
N GLU A 55 3.85 11.71 5.35
CA GLU A 55 2.44 11.29 5.38
C GLU A 55 1.68 12.03 4.26
N GLY A 56 1.52 11.36 3.11
CA GLY A 56 0.86 11.93 1.91
C GLY A 56 -0.57 12.40 2.17
N ILE A 57 -1.25 11.69 3.08
CA ILE A 57 -2.57 12.06 3.58
C ILE A 57 -2.76 11.43 4.99
N GLN A 58 -3.14 12.26 5.97
CA GLN A 58 -3.34 11.83 7.37
C GLN A 58 -4.65 11.00 7.49
N THR A 59 -5.62 11.33 6.62
CA THR A 59 -6.88 10.58 6.45
C THR A 59 -7.77 10.61 7.71
N ARG A 60 -8.49 11.72 7.89
CA ARG A 60 -9.62 11.79 8.81
C ARG A 60 -10.88 11.30 8.07
N LYS A 61 -11.35 10.10 8.46
CA LYS A 61 -12.61 9.52 7.92
C LYS A 61 -13.79 10.43 8.30
N ARG A 62 -14.56 10.86 7.30
CA ARG A 62 -15.71 11.74 7.50
C ARG A 62 -16.92 10.95 8.02
N LYS A 63 -16.87 10.67 9.34
CA LYS A 63 -17.95 10.10 10.20
C LYS A 63 -17.27 9.70 11.53
N SER A 1 4.91 -9.65 -36.05
CA SER A 1 5.42 -10.16 -34.77
C SER A 1 5.23 -9.07 -33.69
N HIS A 2 4.43 -9.38 -32.66
CA HIS A 2 4.09 -8.44 -31.60
C HIS A 2 4.83 -8.84 -30.31
N MET A 3 5.87 -8.07 -29.96
CA MET A 3 6.64 -8.28 -28.73
C MET A 3 5.84 -7.73 -27.53
N SER A 4 4.89 -8.55 -27.06
CA SER A 4 4.00 -8.24 -25.93
C SER A 4 4.62 -8.78 -24.62
N ALA A 5 5.89 -9.26 -24.71
CA ALA A 5 6.64 -9.82 -23.58
C ALA A 5 6.90 -8.76 -22.50
N SER A 6 5.99 -8.70 -21.52
CA SER A 6 6.04 -7.72 -20.42
C SER A 6 5.22 -8.26 -19.23
N ARG A 7 5.82 -8.19 -18.02
CA ARG A 7 5.12 -8.50 -16.76
C ARG A 7 4.56 -7.17 -16.24
N ARG A 8 3.42 -6.78 -16.81
CA ARG A 8 2.83 -5.45 -16.62
C ARG A 8 2.27 -5.35 -15.18
N VAL A 9 2.82 -4.39 -14.42
CA VAL A 9 2.59 -4.27 -12.96
C VAL A 9 1.11 -3.96 -12.67
N GLY A 10 0.39 -5.00 -12.20
CA GLY A 10 -1.00 -4.90 -11.80
C GLY A 10 -1.16 -4.32 -10.39
N LEU A 11 -1.19 -2.98 -10.32
CA LEU A 11 -1.31 -2.19 -9.07
C LEU A 11 -0.04 -2.31 -8.17
N SER A 12 -0.02 -1.52 -7.09
CA SER A 12 1.02 -1.53 -6.07
C SER A 12 0.38 -1.20 -4.71
N CYS A 13 0.96 -1.73 -3.61
CA CYS A 13 0.52 -1.42 -2.24
C CYS A 13 0.69 0.08 -1.98
N ALA A 14 -0.45 0.77 -1.80
CA ALA A 14 -0.52 2.24 -1.58
C ALA A 14 0.23 2.68 -0.31
N ASN A 15 0.52 1.71 0.59
CA ASN A 15 1.20 1.95 1.88
C ASN A 15 2.71 1.64 1.77
N CYS A 16 3.05 0.37 1.44
CA CYS A 16 4.44 -0.15 1.58
C CYS A 16 5.13 -0.41 0.22
N GLN A 17 4.40 -0.13 -0.89
CA GLN A 17 4.95 -0.12 -2.28
C GLN A 17 5.40 -1.52 -2.81
N THR A 18 4.96 -2.61 -2.15
CA THR A 18 5.19 -3.98 -2.66
C THR A 18 4.09 -4.36 -3.67
N THR A 19 4.46 -5.12 -4.71
CA THR A 19 3.53 -5.57 -5.75
C THR A 19 3.24 -7.08 -5.63
N THR A 20 4.11 -7.78 -4.87
CA THR A 20 3.98 -9.23 -4.62
C THR A 20 3.14 -9.46 -3.35
N THR A 21 1.83 -9.71 -3.53
CA THR A 21 0.91 -10.07 -2.45
C THR A 21 -0.09 -11.12 -2.93
N THR A 22 -0.72 -11.80 -1.96
CA THR A 22 -1.75 -12.80 -2.21
C THR A 22 -3.12 -12.14 -2.47
N LEU A 23 -3.38 -11.01 -1.77
CA LEU A 23 -4.68 -10.35 -1.82
C LEU A 23 -4.50 -8.81 -1.78
N TRP A 24 -5.09 -8.13 -2.79
CA TRP A 24 -5.19 -6.66 -2.83
C TRP A 24 -6.41 -6.23 -2.02
N ARG A 25 -6.17 -5.98 -0.72
CA ARG A 25 -7.19 -5.44 0.19
C ARG A 25 -7.37 -3.93 -0.03
N ARG A 26 -8.42 -3.38 0.58
CA ARG A 26 -8.64 -1.93 0.69
C ARG A 26 -8.48 -1.54 2.15
N ASN A 27 -7.78 -0.43 2.41
CA ASN A 27 -7.67 0.13 3.77
C ASN A 27 -8.97 0.91 4.12
N ALA A 28 -8.97 1.60 5.26
CA ALA A 28 -10.15 2.35 5.77
C ALA A 28 -10.47 3.61 4.91
N GLU A 29 -9.55 3.94 3.99
CA GLU A 29 -9.71 5.02 3.01
C GLU A 29 -10.25 4.46 1.68
N GLY A 30 -10.01 3.15 1.44
CA GLY A 30 -10.44 2.45 0.22
C GLY A 30 -9.30 2.21 -0.79
N GLU A 31 -8.06 2.49 -0.36
CA GLU A 31 -6.86 2.38 -1.23
C GLU A 31 -6.35 0.93 -1.33
N PRO A 32 -5.88 0.49 -2.56
CA PRO A 32 -5.37 -0.88 -2.79
C PRO A 32 -4.05 -1.14 -2.03
N VAL A 33 -4.16 -1.78 -0.87
CA VAL A 33 -3.04 -2.17 -0.02
C VAL A 33 -2.85 -3.70 -0.06
N CYS A 34 -1.61 -4.14 0.19
CA CYS A 34 -1.28 -5.57 0.31
C CYS A 34 -1.89 -6.18 1.59
N ASN A 35 -1.84 -7.53 1.69
CA ASN A 35 -2.35 -8.27 2.86
C ASN A 35 -1.64 -7.81 4.15
N ALA A 36 -0.31 -7.58 4.08
CA ALA A 36 0.52 -7.15 5.23
C ALA A 36 0.03 -5.80 5.83
N CYS A 37 -0.33 -4.85 4.96
CA CYS A 37 -0.76 -3.48 5.36
C CYS A 37 -2.24 -3.48 5.82
N GLY A 38 -3.08 -4.27 5.12
CA GLY A 38 -4.53 -4.33 5.41
C GLY A 38 -4.83 -5.04 6.72
N LEU A 39 -4.06 -6.10 7.02
CA LEU A 39 -4.20 -6.88 8.27
C LEU A 39 -3.62 -6.11 9.48
N TYR A 40 -2.65 -5.20 9.21
CA TYR A 40 -2.07 -4.35 10.27
C TYR A 40 -3.10 -3.28 10.69
N MET A 41 -3.84 -2.72 9.69
CA MET A 41 -4.95 -1.78 9.95
C MET A 41 -6.15 -2.48 10.61
N LYS A 42 -6.34 -3.77 10.26
CA LYS A 42 -7.35 -4.64 10.88
C LYS A 42 -7.10 -4.77 12.40
N LEU A 43 -5.82 -4.82 12.76
CA LEU A 43 -5.38 -4.91 14.17
C LEU A 43 -5.39 -3.54 14.86
N HIS A 44 -4.41 -2.70 14.54
CA HIS A 44 -4.05 -1.50 15.33
C HIS A 44 -4.80 -0.23 14.89
N GLY A 45 -5.66 -0.35 13.87
CA GLY A 45 -6.46 0.78 13.35
C GLY A 45 -5.73 1.56 12.24
N VAL A 46 -4.43 1.80 12.46
CA VAL A 46 -3.53 2.43 11.47
C VAL A 46 -2.78 1.34 10.67
N PRO A 47 -2.27 1.65 9.43
CA PRO A 47 -1.50 0.68 8.61
C PRO A 47 0.00 0.62 9.04
N ARG A 48 0.82 -0.08 8.24
CA ARG A 48 2.26 -0.25 8.55
C ARG A 48 3.05 1.06 8.31
N PRO A 49 3.68 1.65 9.38
CA PRO A 49 4.51 2.86 9.25
C PRO A 49 5.91 2.49 8.71
N LEU A 50 6.33 3.16 7.61
CA LEU A 50 7.62 2.89 6.96
C LEU A 50 8.78 3.56 7.73
N ALA A 51 9.93 2.86 7.80
CA ALA A 51 11.14 3.34 8.49
C ALA A 51 11.82 4.48 7.71
N MET A 52 12.11 5.60 8.40
CA MET A 52 12.79 6.75 7.81
C MET A 52 14.31 6.62 8.00
N ARG A 53 15.02 6.38 6.88
CA ARG A 53 16.49 6.38 6.81
C ARG A 53 16.99 7.82 6.83
N LYS A 54 16.43 8.64 5.92
CA LYS A 54 16.69 10.09 5.82
C LYS A 54 15.39 10.83 5.51
N GLU A 55 15.29 12.08 6.02
CA GLU A 55 14.12 12.95 5.79
C GLU A 55 14.23 13.65 4.42
N GLY A 56 13.72 12.95 3.38
CA GLY A 56 13.63 13.50 2.03
C GLY A 56 12.44 14.44 1.86
N ILE A 57 12.60 15.46 0.99
CA ILE A 57 11.55 16.45 0.74
C ILE A 57 10.48 15.90 -0.23
N GLN A 58 9.20 16.08 0.13
CA GLN A 58 8.07 15.54 -0.63
C GLN A 58 6.92 16.57 -0.64
N THR A 59 7.00 17.51 -1.60
CA THR A 59 5.90 18.41 -1.95
C THR A 59 5.71 18.33 -3.48
N ARG A 60 5.06 17.21 -3.91
CA ARG A 60 4.90 16.84 -5.34
C ARG A 60 6.25 16.60 -6.03
N LYS A 61 7.25 16.20 -5.20
CA LYS A 61 8.59 15.83 -5.65
C LYS A 61 8.54 14.39 -6.18
N ARG A 62 8.35 14.26 -7.49
CA ARG A 62 8.16 12.98 -8.19
C ARG A 62 8.97 12.95 -9.48
N LYS A 63 8.76 11.88 -10.28
CA LYS A 63 9.37 11.67 -11.61
C LYS A 63 10.92 11.63 -11.50
N SER A 1 18.96 12.15 -23.30
CA SER A 1 17.98 11.23 -23.91
C SER A 1 16.60 11.41 -23.27
N HIS A 2 16.52 11.09 -21.94
CA HIS A 2 15.25 11.02 -21.15
C HIS A 2 14.27 9.95 -21.68
N MET A 3 13.22 9.70 -20.88
CA MET A 3 12.16 8.74 -21.18
C MET A 3 11.02 8.97 -20.18
N SER A 4 9.76 8.85 -20.65
CA SER A 4 8.58 8.82 -19.78
C SER A 4 8.64 7.57 -18.90
N ALA A 5 9.14 7.75 -17.66
CA ALA A 5 9.45 6.65 -16.71
C ALA A 5 8.17 5.90 -16.26
N SER A 6 7.80 4.89 -17.05
CA SER A 6 6.74 3.94 -16.75
C SER A 6 7.09 2.63 -17.46
N ARG A 7 8.04 1.90 -16.85
CA ARG A 7 8.53 0.59 -17.32
C ARG A 7 7.39 -0.44 -17.32
N ARG A 8 6.50 -0.31 -16.33
CA ARG A 8 5.29 -1.12 -16.20
C ARG A 8 4.30 -0.41 -15.26
N VAL A 9 3.00 -0.52 -15.55
CA VAL A 9 1.94 -0.01 -14.67
C VAL A 9 1.43 -1.17 -13.81
N GLY A 10 2.11 -1.40 -12.68
CA GLY A 10 1.73 -2.43 -11.72
C GLY A 10 1.05 -1.84 -10.50
N LEU A 11 0.07 -2.56 -9.91
CA LEU A 11 -0.53 -2.16 -8.62
C LEU A 11 0.53 -2.24 -7.52
N SER A 12 0.74 -1.12 -6.84
CA SER A 12 1.62 -1.04 -5.66
C SER A 12 0.73 -0.84 -4.43
N CYS A 13 1.14 -1.44 -3.30
CA CYS A 13 0.48 -1.23 -1.99
C CYS A 13 0.44 0.27 -1.67
N ALA A 14 -0.78 0.78 -1.41
CA ALA A 14 -1.03 2.19 -1.05
C ALA A 14 -0.72 2.42 0.45
N ASN A 15 0.53 2.10 0.79
CA ASN A 15 1.10 2.21 2.12
C ASN A 15 2.60 1.91 2.00
N CYS A 16 2.96 0.61 1.90
CA CYS A 16 4.35 0.12 2.05
C CYS A 16 5.13 0.10 0.71
N GLN A 17 4.40 0.27 -0.41
CA GLN A 17 4.95 0.21 -1.78
C GLN A 17 5.51 -1.19 -2.11
N THR A 18 4.61 -2.13 -2.50
CA THR A 18 5.01 -3.46 -2.98
C THR A 18 4.13 -3.81 -4.20
N THR A 19 4.77 -4.16 -5.32
CA THR A 19 4.07 -4.40 -6.60
C THR A 19 3.51 -5.84 -6.70
N THR A 20 3.99 -6.75 -5.83
CA THR A 20 3.53 -8.15 -5.79
C THR A 20 3.13 -8.52 -4.35
N THR A 21 2.00 -9.27 -4.24
CA THR A 21 1.48 -9.81 -2.98
C THR A 21 0.47 -10.93 -3.31
N THR A 22 0.12 -11.72 -2.29
CA THR A 22 -0.83 -12.85 -2.44
C THR A 22 -2.28 -12.33 -2.60
N LEU A 23 -2.61 -11.23 -1.92
CA LEU A 23 -3.99 -10.73 -1.81
C LEU A 23 -4.01 -9.19 -1.80
N TRP A 24 -4.77 -8.60 -2.73
CA TRP A 24 -5.02 -7.14 -2.80
C TRP A 24 -6.32 -6.81 -2.05
N ARG A 25 -6.22 -5.85 -1.12
CA ARG A 25 -7.32 -5.42 -0.24
C ARG A 25 -7.45 -3.90 -0.26
N ARG A 26 -8.54 -3.40 0.35
CA ARG A 26 -8.80 -1.95 0.48
C ARG A 26 -8.66 -1.56 1.95
N ASN A 27 -7.85 -0.53 2.23
CA ASN A 27 -7.65 -0.01 3.60
C ASN A 27 -8.90 0.80 4.06
N ALA A 28 -8.77 1.53 5.19
CA ALA A 28 -9.85 2.35 5.79
C ALA A 28 -10.39 3.43 4.81
N GLU A 29 -9.53 3.83 3.87
CA GLU A 29 -9.81 4.90 2.88
C GLU A 29 -10.29 4.31 1.53
N GLY A 30 -10.15 2.98 1.36
CA GLY A 30 -10.55 2.30 0.13
C GLY A 30 -9.42 2.15 -0.88
N GLU A 31 -8.20 2.49 -0.46
CA GLU A 31 -6.99 2.44 -1.30
C GLU A 31 -6.44 0.99 -1.41
N PRO A 32 -5.95 0.56 -2.62
CA PRO A 32 -5.47 -0.82 -2.84
C PRO A 32 -4.11 -1.10 -2.14
N VAL A 33 -4.20 -1.61 -0.91
CA VAL A 33 -3.04 -2.07 -0.13
C VAL A 33 -2.85 -3.59 -0.27
N CYS A 34 -1.67 -4.09 0.09
CA CYS A 34 -1.42 -5.53 0.20
C CYS A 34 -2.08 -6.07 1.49
N ASN A 35 -2.25 -7.41 1.55
CA ASN A 35 -2.93 -8.08 2.67
C ASN A 35 -2.26 -7.74 4.02
N ALA A 36 -0.91 -7.74 4.04
CA ALA A 36 -0.10 -7.50 5.27
C ALA A 36 -0.34 -6.10 5.87
N CYS A 37 -0.62 -5.10 5.00
CA CYS A 37 -0.91 -3.72 5.43
C CYS A 37 -2.39 -3.61 5.88
N GLY A 38 -3.26 -4.44 5.24
CA GLY A 38 -4.67 -4.55 5.62
C GLY A 38 -4.88 -5.29 6.95
N LEU A 39 -3.95 -6.24 7.26
CA LEU A 39 -3.92 -6.99 8.52
C LEU A 39 -3.51 -6.04 9.65
N TYR A 40 -2.42 -5.29 9.40
CA TYR A 40 -1.83 -4.36 10.36
C TYR A 40 -2.85 -3.28 10.76
N MET A 41 -3.62 -2.80 9.76
CA MET A 41 -4.68 -1.81 9.96
C MET A 41 -5.84 -2.40 10.78
N LYS A 42 -6.25 -3.64 10.46
CA LYS A 42 -7.37 -4.32 11.14
C LYS A 42 -7.02 -4.62 12.61
N LEU A 43 -5.72 -4.81 12.89
CA LEU A 43 -5.19 -5.09 14.23
C LEU A 43 -4.97 -3.81 15.06
N HIS A 44 -4.40 -2.76 14.44
CA HIS A 44 -3.83 -1.59 15.18
C HIS A 44 -4.48 -0.27 14.77
N GLY A 45 -5.53 -0.32 13.92
CA GLY A 45 -6.24 0.88 13.46
C GLY A 45 -5.53 1.58 12.30
N VAL A 46 -4.25 1.91 12.53
CA VAL A 46 -3.39 2.63 11.57
C VAL A 46 -2.74 1.66 10.56
N PRO A 47 -2.25 2.16 9.36
CA PRO A 47 -1.52 1.31 8.39
C PRO A 47 -0.09 0.99 8.90
N ARG A 48 0.66 0.21 8.10
CA ARG A 48 2.00 -0.27 8.48
C ARG A 48 3.04 0.87 8.32
N PRO A 49 3.61 1.42 9.45
CA PRO A 49 4.42 2.68 9.43
C PRO A 49 5.75 2.52 8.67
N LEU A 50 6.13 3.58 7.93
CA LEU A 50 7.39 3.64 7.17
C LEU A 50 8.29 4.75 7.73
N ALA A 51 9.52 4.83 7.18
CA ALA A 51 10.52 5.82 7.57
C ALA A 51 11.32 6.25 6.33
N MET A 52 12.10 5.31 5.76
CA MET A 52 12.97 5.58 4.60
C MET A 52 12.39 4.85 3.36
N ARG A 53 11.22 5.33 2.91
CA ARG A 53 10.51 4.79 1.73
C ARG A 53 9.95 5.93 0.86
N LYS A 54 10.83 6.44 -0.03
CA LYS A 54 10.47 7.43 -1.08
C LYS A 54 11.07 6.96 -2.42
N GLU A 55 10.98 5.62 -2.65
CA GLU A 55 11.43 4.94 -3.89
C GLU A 55 12.95 5.07 -4.10
N GLY A 56 13.39 6.23 -4.61
CA GLY A 56 14.79 6.50 -4.90
C GLY A 56 14.97 7.86 -5.55
N ILE A 57 16.14 8.49 -5.33
CA ILE A 57 16.48 9.85 -5.81
C ILE A 57 15.47 10.88 -5.25
N GLN A 58 15.75 11.32 -4.01
CA GLN A 58 14.87 12.23 -3.24
C GLN A 58 15.11 13.69 -3.65
N THR A 59 16.33 13.97 -4.16
CA THR A 59 16.74 15.30 -4.65
C THR A 59 16.28 15.56 -6.10
N ARG A 60 15.41 14.66 -6.62
CA ARG A 60 14.85 14.75 -7.98
C ARG A 60 13.94 15.99 -8.08
N LYS A 61 14.44 17.05 -8.74
CA LYS A 61 13.72 18.30 -8.98
C LYS A 61 13.38 18.98 -7.63
N ARG A 62 14.27 19.86 -7.18
CA ARG A 62 14.09 20.64 -5.94
C ARG A 62 13.04 21.74 -6.12
N LYS A 63 12.48 22.20 -4.98
CA LYS A 63 11.53 23.33 -4.87
C LYS A 63 10.10 22.91 -5.34
N SER A 1 15.20 -15.25 -4.28
CA SER A 1 13.95 -15.60 -5.00
C SER A 1 14.22 -16.72 -6.01
N HIS A 2 13.23 -17.62 -6.19
CA HIS A 2 13.25 -18.64 -7.26
C HIS A 2 12.84 -18.03 -8.60
N MET A 3 12.07 -16.94 -8.54
CA MET A 3 11.64 -16.20 -9.74
C MET A 3 12.76 -15.21 -10.17
N SER A 4 13.08 -14.25 -9.26
CA SER A 4 14.14 -13.24 -9.44
C SER A 4 13.92 -12.39 -10.72
N ALA A 5 12.63 -12.14 -11.04
CA ALA A 5 12.22 -11.36 -12.21
C ALA A 5 11.22 -10.29 -11.81
N SER A 6 11.22 -9.16 -12.55
CA SER A 6 10.35 -8.01 -12.26
C SER A 6 8.87 -8.33 -12.54
N ARG A 7 8.11 -8.62 -11.49
CA ARG A 7 6.65 -8.68 -11.56
C ARG A 7 6.10 -7.38 -10.98
N ARG A 8 5.61 -6.49 -11.85
CA ARG A 8 4.90 -5.26 -11.45
C ARG A 8 3.51 -5.30 -12.07
N VAL A 9 2.75 -6.34 -11.66
CA VAL A 9 1.42 -6.64 -12.18
C VAL A 9 0.38 -6.44 -11.06
N GLY A 10 -0.82 -5.99 -11.45
CA GLY A 10 -1.89 -5.68 -10.51
C GLY A 10 -1.91 -4.21 -10.14
N LEU A 11 -1.66 -3.90 -8.86
CA LEU A 11 -1.71 -2.54 -8.32
C LEU A 11 -0.43 -2.24 -7.54
N SER A 12 -0.42 -1.18 -6.75
CA SER A 12 0.68 -0.82 -5.86
C SER A 12 0.13 -0.62 -4.45
N CYS A 13 0.83 -1.15 -3.43
CA CYS A 13 0.42 -0.99 -2.01
C CYS A 13 0.50 0.48 -1.61
N ALA A 14 -0.64 1.07 -1.25
CA ALA A 14 -0.75 2.49 -0.85
C ALA A 14 0.19 2.81 0.33
N ASN A 15 0.50 1.79 1.15
CA ASN A 15 1.45 1.91 2.27
C ASN A 15 2.89 1.53 1.85
N CYS A 16 3.06 0.28 1.34
CA CYS A 16 4.40 -0.33 1.13
C CYS A 16 4.58 -0.80 -0.33
N GLN A 17 4.31 0.14 -1.26
CA GLN A 17 4.55 0.04 -2.74
C GLN A 17 5.54 -1.09 -3.16
N THR A 18 4.97 -2.29 -3.29
CA THR A 18 5.68 -3.52 -3.71
C THR A 18 5.28 -3.91 -5.15
N THR A 19 4.22 -3.23 -5.67
CA THR A 19 3.67 -3.39 -7.04
C THR A 19 3.25 -4.84 -7.41
N THR A 20 3.22 -5.73 -6.40
CA THR A 20 2.78 -7.12 -6.54
C THR A 20 2.74 -7.78 -5.14
N THR A 21 1.77 -8.65 -4.93
CA THR A 21 1.55 -9.33 -3.64
C THR A 21 0.53 -10.47 -3.81
N THR A 22 0.13 -11.07 -2.68
CA THR A 22 -1.02 -11.98 -2.60
C THR A 22 -2.18 -11.25 -1.91
N LEU A 23 -3.31 -11.09 -2.62
CA LEU A 23 -4.55 -10.46 -2.10
C LEU A 23 -4.36 -8.94 -1.88
N TRP A 24 -4.82 -8.14 -2.85
CA TRP A 24 -4.93 -6.67 -2.71
C TRP A 24 -6.18 -6.36 -1.88
N ARG A 25 -5.96 -5.96 -0.61
CA ARG A 25 -7.04 -5.55 0.30
C ARG A 25 -7.38 -4.06 0.12
N ARG A 26 -8.47 -3.63 0.78
CA ARG A 26 -8.89 -2.22 0.83
C ARG A 26 -8.64 -1.70 2.24
N ASN A 27 -8.00 -0.51 2.36
CA ASN A 27 -7.80 0.15 3.65
C ASN A 27 -9.06 0.99 4.02
N ALA A 28 -8.98 1.71 5.16
CA ALA A 28 -10.09 2.55 5.68
C ALA A 28 -10.45 3.72 4.72
N GLU A 29 -9.49 4.09 3.86
CA GLU A 29 -9.64 5.18 2.88
C GLU A 29 -10.21 4.63 1.53
N GLY A 30 -10.10 3.30 1.34
CA GLY A 30 -10.57 2.61 0.13
C GLY A 30 -9.47 2.34 -0.89
N GLU A 31 -8.24 2.72 -0.52
CA GLU A 31 -7.05 2.59 -1.37
C GLU A 31 -6.47 1.15 -1.31
N PRO A 32 -5.78 0.69 -2.42
CA PRO A 32 -5.32 -0.70 -2.54
C PRO A 32 -4.03 -0.95 -1.74
N VAL A 33 -4.18 -1.56 -0.56
CA VAL A 33 -3.04 -2.00 0.27
C VAL A 33 -2.86 -3.52 0.11
N CYS A 34 -1.61 -3.97 0.26
CA CYS A 34 -1.28 -5.41 0.25
C CYS A 34 -1.84 -6.11 1.50
N ASN A 35 -1.81 -7.46 1.46
CA ASN A 35 -2.26 -8.33 2.56
C ASN A 35 -1.64 -7.90 3.92
N ALA A 36 -0.29 -7.75 3.95
CA ALA A 36 0.49 -7.47 5.18
C ALA A 36 0.10 -6.11 5.82
N CYS A 37 -0.28 -5.12 4.97
CA CYS A 37 -0.67 -3.77 5.44
C CYS A 37 -2.10 -3.79 6.01
N GLY A 38 -2.96 -4.61 5.37
CA GLY A 38 -4.37 -4.77 5.78
C GLY A 38 -4.51 -5.53 7.09
N LEU A 39 -3.58 -6.45 7.36
CA LEU A 39 -3.52 -7.23 8.61
C LEU A 39 -3.23 -6.32 9.80
N TYR A 40 -2.28 -5.38 9.61
CA TYR A 40 -1.88 -4.42 10.66
C TYR A 40 -3.02 -3.41 10.92
N MET A 41 -3.68 -2.94 9.84
CA MET A 41 -4.83 -2.01 9.92
C MET A 41 -6.01 -2.65 10.66
N LYS A 42 -6.20 -3.96 10.44
CA LYS A 42 -7.25 -4.76 11.11
C LYS A 42 -7.05 -4.76 12.65
N LEU A 43 -5.79 -4.64 13.07
CA LEU A 43 -5.41 -4.68 14.49
C LEU A 43 -5.38 -3.28 15.13
N HIS A 44 -4.73 -2.30 14.45
CA HIS A 44 -4.30 -1.02 15.10
C HIS A 44 -4.84 0.24 14.37
N GLY A 45 -5.69 0.06 13.36
CA GLY A 45 -6.37 1.17 12.69
C GLY A 45 -5.61 1.73 11.50
N VAL A 46 -4.34 2.11 11.72
CA VAL A 46 -3.44 2.62 10.66
C VAL A 46 -2.78 1.46 9.88
N PRO A 47 -2.26 1.69 8.63
CA PRO A 47 -1.49 0.66 7.88
C PRO A 47 -0.11 0.42 8.54
N ARG A 48 0.64 -0.59 8.05
CA ARG A 48 1.92 -1.00 8.65
C ARG A 48 2.99 0.12 8.46
N PRO A 49 3.29 0.91 9.54
CA PRO A 49 3.90 2.24 9.41
C PRO A 49 5.39 2.22 9.02
N LEU A 50 5.66 2.53 7.75
CA LEU A 50 7.02 2.71 7.22
C LEU A 50 7.50 4.14 7.54
N ALA A 51 6.65 5.11 7.20
CA ALA A 51 6.94 6.56 7.34
C ALA A 51 6.90 6.98 8.82
N MET A 52 5.98 6.36 9.58
CA MET A 52 5.87 6.60 11.03
C MET A 52 6.79 5.63 11.77
N ARG A 53 8.01 6.11 12.14
CA ARG A 53 8.93 5.34 13.00
C ARG A 53 8.49 5.57 14.46
N LYS A 54 7.32 4.99 14.79
CA LYS A 54 6.73 5.07 16.12
C LYS A 54 5.63 4.02 16.26
N GLU A 55 5.85 3.09 17.18
CA GLU A 55 4.85 2.11 17.61
C GLU A 55 3.91 2.75 18.65
N GLY A 56 2.61 2.39 18.59
CA GLY A 56 1.61 2.99 19.48
C GLY A 56 0.20 2.45 19.23
N ILE A 57 -0.80 3.33 19.36
CA ILE A 57 -2.23 2.97 19.27
C ILE A 57 -3.03 4.19 18.72
N GLN A 58 -3.72 4.00 17.59
CA GLN A 58 -4.56 5.05 16.97
C GLN A 58 -6.00 4.86 17.46
N THR A 59 -6.42 5.70 18.42
CA THR A 59 -7.77 5.67 19.01
C THR A 59 -8.32 7.12 19.15
N ARG A 60 -8.96 7.47 20.32
CA ARG A 60 -9.79 8.68 20.53
C ARG A 60 -11.10 8.58 19.72
N LYS A 61 -10.97 8.52 18.38
CA LYS A 61 -12.08 8.21 17.47
C LYS A 61 -11.98 6.76 16.99
N ARG A 62 -13.01 5.97 17.29
CA ARG A 62 -13.27 4.67 16.63
C ARG A 62 -14.08 4.92 15.33
N LYS A 63 -14.51 6.20 15.16
CA LYS A 63 -15.30 6.70 14.01
C LYS A 63 -16.80 6.38 14.24
N SER A 1 22.40 2.58 -12.51
CA SER A 1 22.12 3.91 -11.92
C SER A 1 20.91 4.56 -12.63
N HIS A 2 20.57 5.81 -12.19
CA HIS A 2 19.48 6.63 -12.77
C HIS A 2 18.09 5.99 -12.47
N MET A 3 17.63 5.07 -13.36
CA MET A 3 16.33 4.35 -13.24
C MET A 3 16.14 3.43 -14.47
N SER A 4 14.92 2.86 -14.58
CA SER A 4 14.43 2.16 -15.79
C SER A 4 12.92 2.42 -15.90
N ALA A 5 12.41 2.59 -17.14
CA ALA A 5 10.97 2.83 -17.38
C ALA A 5 10.12 1.63 -16.92
N SER A 6 9.63 1.72 -15.67
CA SER A 6 8.88 0.64 -15.01
C SER A 6 7.41 0.65 -15.47
N ARG A 7 7.18 0.12 -16.69
CA ARG A 7 5.84 0.00 -17.32
C ARG A 7 5.23 -1.39 -17.04
N ARG A 8 5.44 -1.86 -15.79
CA ARG A 8 5.08 -3.23 -15.35
C ARG A 8 3.57 -3.31 -15.00
N VAL A 9 2.91 -4.38 -15.45
CA VAL A 9 1.48 -4.64 -15.17
C VAL A 9 1.29 -5.09 -13.71
N GLY A 10 0.25 -4.53 -13.04
CA GLY A 10 -0.07 -4.87 -11.65
C GLY A 10 -0.37 -3.63 -10.82
N LEU A 11 -1.20 -3.79 -9.76
CA LEU A 11 -1.49 -2.72 -8.78
C LEU A 11 -0.30 -2.49 -7.85
N SER A 12 -0.21 -1.30 -7.26
CA SER A 12 0.80 -0.97 -6.23
C SER A 12 0.09 -0.74 -4.88
N CYS A 13 0.71 -1.22 -3.78
CA CYS A 13 0.22 -0.99 -2.40
C CYS A 13 0.19 0.50 -2.09
N ALA A 14 -1.00 1.03 -1.75
CA ALA A 14 -1.20 2.44 -1.39
C ALA A 14 -0.78 2.71 0.08
N ASN A 15 0.49 2.38 0.38
CA ASN A 15 1.13 2.54 1.68
C ASN A 15 2.62 2.17 1.54
N CYS A 16 2.89 0.90 1.16
CA CYS A 16 4.26 0.35 1.14
C CYS A 16 4.78 0.14 -0.29
N GLN A 17 3.97 0.57 -1.30
CA GLN A 17 4.36 0.68 -2.73
C GLN A 17 4.58 -0.68 -3.45
N THR A 18 4.56 -1.81 -2.71
CA THR A 18 4.89 -3.14 -3.27
C THR A 18 3.76 -3.65 -4.19
N THR A 19 4.15 -4.19 -5.34
CA THR A 19 3.22 -4.80 -6.32
C THR A 19 3.10 -6.32 -6.06
N THR A 20 4.10 -6.88 -5.35
CA THR A 20 4.21 -8.33 -5.10
C THR A 20 3.40 -8.76 -3.85
N THR A 21 2.13 -9.14 -4.08
CA THR A 21 1.26 -9.78 -3.09
C THR A 21 0.12 -10.51 -3.82
N THR A 22 -0.34 -11.64 -3.27
CA THR A 22 -1.45 -12.43 -3.84
C THR A 22 -2.80 -11.82 -3.42
N LEU A 23 -2.85 -11.30 -2.18
CA LEU A 23 -4.08 -10.75 -1.58
C LEU A 23 -3.99 -9.22 -1.48
N TRP A 24 -4.92 -8.54 -2.16
CA TRP A 24 -5.08 -7.08 -2.07
C TRP A 24 -6.23 -6.74 -1.11
N ARG A 25 -5.87 -6.10 0.00
CA ARG A 25 -6.82 -5.54 0.97
C ARG A 25 -7.00 -4.04 0.69
N ARG A 26 -7.82 -3.35 1.48
CA ARG A 26 -8.02 -1.88 1.31
C ARG A 26 -8.05 -1.17 2.67
N ASN A 27 -7.44 0.03 2.71
CA ASN A 27 -7.39 0.88 3.91
C ASN A 27 -8.72 1.63 4.14
N ALA A 28 -8.74 2.58 5.09
CA ALA A 28 -9.95 3.35 5.46
C ALA A 28 -10.46 4.24 4.31
N GLU A 29 -9.52 4.72 3.47
CA GLU A 29 -9.83 5.50 2.25
C GLU A 29 -10.42 4.60 1.15
N GLY A 30 -10.14 3.29 1.22
CA GLY A 30 -10.57 2.32 0.21
C GLY A 30 -9.55 2.19 -0.92
N GLU A 31 -8.29 2.43 -0.57
CA GLU A 31 -7.15 2.35 -1.50
C GLU A 31 -6.54 0.94 -1.44
N PRO A 32 -6.18 0.33 -2.62
CA PRO A 32 -5.69 -1.07 -2.69
C PRO A 32 -4.31 -1.24 -2.03
N VAL A 33 -4.32 -1.57 -0.74
CA VAL A 33 -3.09 -1.89 0.03
C VAL A 33 -2.83 -3.40 -0.02
N CYS A 34 -1.56 -3.79 0.16
CA CYS A 34 -1.17 -5.22 0.23
C CYS A 34 -1.72 -5.89 1.49
N ASN A 35 -1.70 -7.23 1.50
CA ASN A 35 -2.11 -8.05 2.67
C ASN A 35 -1.36 -7.62 3.94
N ALA A 36 -0.02 -7.47 3.81
CA ALA A 36 0.91 -7.12 4.92
C ALA A 36 0.53 -5.80 5.63
N CYS A 37 -0.02 -4.84 4.87
CA CYS A 37 -0.46 -3.54 5.40
C CYS A 37 -1.86 -3.65 6.06
N GLY A 38 -2.76 -4.36 5.37
CA GLY A 38 -4.17 -4.48 5.76
C GLY A 38 -4.40 -5.33 7.01
N LEU A 39 -3.47 -6.26 7.28
CA LEU A 39 -3.47 -7.09 8.52
C LEU A 39 -3.32 -6.19 9.76
N TYR A 40 -2.43 -5.18 9.65
CA TYR A 40 -2.14 -4.23 10.73
C TYR A 40 -3.38 -3.34 10.98
N MET A 41 -4.13 -3.02 9.89
CA MET A 41 -5.31 -2.13 9.95
C MET A 41 -6.48 -2.79 10.67
N LYS A 42 -6.62 -4.11 10.50
CA LYS A 42 -7.69 -4.89 11.15
C LYS A 42 -7.41 -5.06 12.66
N LEU A 43 -6.11 -5.02 13.03
CA LEU A 43 -5.67 -5.14 14.43
C LEU A 43 -5.76 -3.79 15.19
N HIS A 44 -5.17 -2.72 14.61
CA HIS A 44 -4.89 -1.46 15.34
C HIS A 44 -5.49 -0.22 14.65
N GLY A 45 -6.14 -0.41 13.49
CA GLY A 45 -6.80 0.68 12.77
C GLY A 45 -5.90 1.35 11.73
N VAL A 46 -4.59 1.47 12.06
CA VAL A 46 -3.58 2.09 11.17
C VAL A 46 -2.81 0.99 10.37
N PRO A 47 -2.19 1.31 9.18
CA PRO A 47 -1.38 0.33 8.42
C PRO A 47 0.07 0.17 8.94
N ARG A 48 0.87 -0.62 8.20
CA ARG A 48 2.30 -0.89 8.50
C ARG A 48 3.20 0.26 7.96
N PRO A 49 3.66 1.24 8.82
CA PRO A 49 4.43 2.42 8.33
C PRO A 49 5.84 2.04 7.81
N LEU A 50 6.27 2.64 6.69
CA LEU A 50 7.64 2.48 6.15
C LEU A 50 8.57 3.57 6.71
N ALA A 51 9.88 3.25 6.72
CA ALA A 51 10.95 4.24 6.88
C ALA A 51 11.51 4.64 5.49
N MET A 52 11.08 3.89 4.44
CA MET A 52 11.50 4.09 3.05
C MET A 52 10.92 5.41 2.50
N ARG A 53 11.79 6.43 2.48
CA ARG A 53 11.46 7.83 2.16
C ARG A 53 12.37 8.33 1.02
N LYS A 54 13.57 7.72 0.93
CA LYS A 54 14.65 8.17 0.04
C LYS A 54 14.45 7.58 -1.38
N GLU A 55 14.73 8.43 -2.40
CA GLU A 55 14.69 8.06 -3.84
C GLU A 55 13.22 7.75 -4.31
N GLY A 56 12.24 8.26 -3.57
CA GLY A 56 10.83 8.13 -3.93
C GLY A 56 10.42 9.17 -4.98
N ILE A 57 10.82 8.92 -6.24
CA ILE A 57 10.45 9.75 -7.40
C ILE A 57 9.65 8.88 -8.40
N GLN A 58 8.35 8.73 -8.11
CA GLN A 58 7.39 8.02 -8.98
C GLN A 58 6.67 9.05 -9.88
N THR A 59 6.66 10.32 -9.44
CA THR A 59 6.06 11.42 -10.19
C THR A 59 7.03 11.92 -11.27
N ARG A 60 7.08 11.15 -12.37
CA ARG A 60 7.90 11.45 -13.56
C ARG A 60 6.97 11.66 -14.79
N LYS A 61 5.64 11.66 -14.53
CA LYS A 61 4.55 11.90 -15.52
C LYS A 61 4.42 10.73 -16.53
N ARG A 62 3.19 10.19 -16.65
CA ARG A 62 2.87 9.07 -17.56
C ARG A 62 2.12 9.54 -18.82
N LYS A 63 1.84 8.57 -19.70
CA LYS A 63 1.21 8.77 -21.01
C LYS A 63 0.13 7.66 -21.21
N SER A 1 -17.34 -7.17 -29.11
CA SER A 1 -16.72 -7.22 -27.76
C SER A 1 -15.43 -8.05 -27.82
N HIS A 2 -14.30 -7.47 -27.37
CA HIS A 2 -13.00 -8.16 -27.32
C HIS A 2 -12.96 -9.20 -26.18
N MET A 3 -12.18 -10.27 -26.40
CA MET A 3 -12.14 -11.46 -25.52
C MET A 3 -11.18 -11.27 -24.33
N SER A 4 -10.68 -10.04 -24.15
CA SER A 4 -9.76 -9.67 -23.06
C SER A 4 -10.52 -9.63 -21.71
N ALA A 5 -10.35 -10.69 -20.91
CA ALA A 5 -10.94 -10.81 -19.55
C ALA A 5 -9.84 -10.94 -18.49
N SER A 6 -8.61 -10.54 -18.87
CA SER A 6 -7.43 -10.59 -18.00
C SER A 6 -7.60 -9.60 -16.83
N ARG A 7 -7.46 -10.12 -15.58
CA ARG A 7 -7.51 -9.29 -14.37
C ARG A 7 -6.34 -8.29 -14.40
N ARG A 8 -6.65 -6.99 -14.30
CA ARG A 8 -5.69 -5.90 -14.52
C ARG A 8 -4.58 -5.90 -13.45
N VAL A 9 -3.43 -6.51 -13.81
CA VAL A 9 -2.22 -6.50 -12.98
C VAL A 9 -1.55 -5.13 -13.13
N GLY A 10 -2.02 -4.17 -12.32
CA GLY A 10 -1.49 -2.82 -12.30
C GLY A 10 -1.66 -2.18 -10.93
N LEU A 11 -2.06 -3.00 -9.93
CA LEU A 11 -2.23 -2.58 -8.53
C LEU A 11 -0.89 -2.69 -7.78
N SER A 12 -0.59 -1.67 -6.97
CA SER A 12 0.51 -1.72 -6.00
C SER A 12 -0.03 -1.26 -4.64
N CYS A 13 0.55 -1.81 -3.55
CA CYS A 13 0.18 -1.45 -2.18
C CYS A 13 0.35 0.07 -1.99
N ALA A 14 -0.78 0.77 -1.80
CA ALA A 14 -0.80 2.25 -1.65
C ALA A 14 0.01 2.74 -0.43
N ASN A 15 0.39 1.80 0.45
CA ASN A 15 1.22 2.07 1.63
C ASN A 15 2.68 1.72 1.33
N CYS A 16 2.98 0.43 1.09
CA CYS A 16 4.38 -0.10 1.07
C CYS A 16 4.88 -0.43 -0.35
N GLN A 17 4.01 -0.25 -1.36
CA GLN A 17 4.36 -0.32 -2.82
C GLN A 17 4.78 -1.73 -3.31
N THR A 18 4.56 -2.76 -2.47
CA THR A 18 4.78 -4.17 -2.86
C THR A 18 3.61 -4.64 -3.77
N THR A 19 3.95 -5.45 -4.77
CA THR A 19 2.98 -5.99 -5.76
C THR A 19 2.81 -7.51 -5.60
N THR A 20 3.68 -8.15 -4.77
CA THR A 20 3.83 -9.63 -4.73
C THR A 20 2.78 -10.33 -3.83
N THR A 21 1.86 -9.55 -3.23
CA THR A 21 0.81 -10.08 -2.34
C THR A 21 -0.28 -10.83 -3.16
N THR A 22 -0.88 -11.85 -2.53
CA THR A 22 -2.00 -12.61 -3.11
C THR A 22 -3.31 -11.81 -2.94
N LEU A 23 -3.55 -11.34 -1.70
CA LEU A 23 -4.79 -10.64 -1.33
C LEU A 23 -4.59 -9.12 -1.39
N TRP A 24 -5.39 -8.44 -2.24
CA TRP A 24 -5.48 -6.97 -2.30
C TRP A 24 -6.62 -6.50 -1.41
N ARG A 25 -6.27 -5.78 -0.33
CA ARG A 25 -7.22 -5.27 0.68
C ARG A 25 -7.45 -3.77 0.46
N ARG A 26 -8.31 -3.18 1.30
CA ARG A 26 -8.60 -1.74 1.30
C ARG A 26 -7.99 -1.08 2.55
N ASN A 27 -7.52 0.16 2.43
CA ASN A 27 -7.31 1.03 3.60
C ASN A 27 -8.59 1.86 3.82
N ALA A 28 -8.58 2.79 4.79
CA ALA A 28 -9.77 3.59 5.17
C ALA A 28 -10.31 4.42 3.98
N GLU A 29 -9.39 5.01 3.19
CA GLU A 29 -9.74 5.83 2.01
C GLU A 29 -9.83 4.96 0.72
N GLY A 30 -9.90 3.64 0.89
CA GLY A 30 -10.35 2.71 -0.16
C GLY A 30 -9.28 2.29 -1.16
N GLU A 31 -8.07 2.84 -1.06
CA GLU A 31 -6.98 2.52 -2.02
C GLU A 31 -6.43 1.09 -1.77
N PRO A 32 -6.08 0.33 -2.87
CA PRO A 32 -5.63 -1.08 -2.77
C PRO A 32 -4.26 -1.22 -2.04
N VAL A 33 -4.30 -1.71 -0.79
CA VAL A 33 -3.10 -2.05 0.00
C VAL A 33 -2.88 -3.58 -0.04
N CYS A 34 -1.65 -4.00 0.29
CA CYS A 34 -1.29 -5.43 0.35
C CYS A 34 -1.94 -6.10 1.56
N ASN A 35 -1.84 -7.45 1.61
CA ASN A 35 -2.33 -8.23 2.76
C ASN A 35 -1.61 -7.79 4.05
N ALA A 36 -0.27 -7.69 3.97
CA ALA A 36 0.62 -7.32 5.10
C ALA A 36 0.20 -5.98 5.75
N CYS A 37 -0.07 -4.96 4.92
CA CYS A 37 -0.48 -3.62 5.40
C CYS A 37 -1.88 -3.66 6.03
N GLY A 38 -2.75 -4.46 5.40
CA GLY A 38 -4.13 -4.63 5.85
C GLY A 38 -4.24 -5.46 7.13
N LEU A 39 -3.22 -6.32 7.40
CA LEU A 39 -3.12 -7.10 8.64
C LEU A 39 -2.85 -6.15 9.82
N TYR A 40 -2.02 -5.13 9.58
CA TYR A 40 -1.71 -4.10 10.59
C TYR A 40 -2.96 -3.26 10.89
N MET A 41 -3.78 -2.99 9.85
CA MET A 41 -5.05 -2.25 9.99
C MET A 41 -6.10 -3.08 10.74
N LYS A 42 -6.03 -4.40 10.59
CA LYS A 42 -6.97 -5.33 11.21
C LYS A 42 -6.65 -5.44 12.73
N LEU A 43 -5.34 -5.47 13.05
CA LEU A 43 -4.85 -5.63 14.44
C LEU A 43 -4.88 -4.29 15.22
N HIS A 44 -4.48 -3.18 14.57
CA HIS A 44 -4.17 -1.90 15.26
C HIS A 44 -4.93 -0.69 14.68
N GLY A 45 -5.80 -0.93 13.68
CA GLY A 45 -6.67 0.12 13.13
C GLY A 45 -6.03 0.90 11.99
N VAL A 46 -4.86 1.50 12.26
CA VAL A 46 -4.12 2.34 11.29
C VAL A 46 -3.28 1.47 10.32
N PRO A 47 -2.86 2.01 9.12
CA PRO A 47 -1.94 1.31 8.20
C PRO A 47 -0.56 1.03 8.83
N ARG A 48 0.19 0.15 8.16
CA ARG A 48 1.55 -0.24 8.57
C ARG A 48 2.52 0.97 8.44
N PRO A 49 3.04 1.54 9.58
CA PRO A 49 4.00 2.66 9.53
C PRO A 49 5.38 2.16 9.06
N LEU A 50 5.79 2.64 7.88
CA LEU A 50 7.04 2.23 7.24
C LEU A 50 8.21 3.04 7.81
N ALA A 51 8.03 4.37 7.82
CA ALA A 51 9.07 5.33 8.18
C ALA A 51 8.68 6.11 9.44
N MET A 52 9.52 6.01 10.48
CA MET A 52 9.37 6.79 11.74
C MET A 52 10.73 7.39 12.13
N ARG A 53 10.80 8.74 12.17
CA ARG A 53 11.99 9.47 12.68
C ARG A 53 12.00 9.31 14.21
N LYS A 54 10.92 9.84 14.79
CA LYS A 54 10.48 9.57 16.15
C LYS A 54 8.96 9.75 16.06
N GLU A 55 8.32 8.76 15.42
CA GLU A 55 7.02 8.91 14.74
C GLU A 55 7.19 9.95 13.62
N GLY A 56 6.95 11.24 13.95
CA GLY A 56 7.32 12.39 13.10
C GLY A 56 7.00 12.27 11.62
N ILE A 57 5.84 11.67 11.29
CA ILE A 57 5.41 11.45 9.91
C ILE A 57 4.95 12.79 9.28
N GLN A 58 5.82 13.35 8.42
CA GLN A 58 5.56 14.63 7.72
C GLN A 58 5.37 14.36 6.22
N THR A 59 4.33 14.97 5.62
CA THR A 59 4.12 14.96 4.18
C THR A 59 3.07 16.02 3.80
N ARG A 60 3.24 16.60 2.61
CA ARG A 60 2.21 17.42 1.95
C ARG A 60 1.48 16.52 0.93
N LYS A 61 0.25 16.90 0.55
CA LYS A 61 -0.49 16.21 -0.51
C LYS A 61 -0.75 17.19 -1.67
N ARG A 62 -0.49 16.72 -2.90
CA ARG A 62 -0.70 17.51 -4.12
C ARG A 62 -2.18 17.41 -4.53
N LYS A 63 -2.98 18.35 -3.99
CA LYS A 63 -4.38 18.54 -4.41
C LYS A 63 -4.36 19.34 -5.74
N SER A 1 1.86 -6.35 -27.13
CA SER A 1 0.61 -7.13 -27.31
C SER A 1 0.43 -8.08 -26.11
N HIS A 2 -0.16 -7.54 -25.02
CA HIS A 2 -0.47 -8.30 -23.79
C HIS A 2 -1.90 -7.98 -23.35
N MET A 3 -2.61 -9.04 -22.96
CA MET A 3 -3.99 -8.99 -22.44
C MET A 3 -4.14 -10.10 -21.38
N SER A 4 -3.50 -11.24 -21.65
CA SER A 4 -3.51 -12.41 -20.76
C SER A 4 -2.50 -12.25 -19.60
N ALA A 5 -1.22 -12.01 -19.97
CA ALA A 5 -0.09 -11.96 -19.02
C ALA A 5 0.16 -10.50 -18.54
N SER A 6 -0.89 -9.87 -17.97
CA SER A 6 -0.79 -8.53 -17.36
C SER A 6 -0.42 -8.71 -15.86
N ARG A 7 0.83 -9.16 -15.64
CA ARG A 7 1.35 -9.48 -14.29
C ARG A 7 2.07 -8.27 -13.67
N ARG A 8 2.79 -7.51 -14.51
CA ARG A 8 3.60 -6.35 -14.08
C ARG A 8 2.74 -5.07 -14.06
N VAL A 9 1.59 -5.12 -14.78
CA VAL A 9 0.61 -4.02 -14.83
C VAL A 9 -0.65 -4.42 -14.05
N GLY A 10 -1.12 -3.54 -13.15
CA GLY A 10 -2.31 -3.81 -12.36
C GLY A 10 -2.45 -2.83 -11.20
N LEU A 11 -2.14 -3.27 -9.97
CA LEU A 11 -2.27 -2.45 -8.74
C LEU A 11 -0.96 -2.51 -7.94
N SER A 12 -0.80 -1.56 -7.00
CA SER A 12 0.30 -1.54 -6.02
C SER A 12 -0.24 -1.03 -4.68
N CYS A 13 0.31 -1.58 -3.57
CA CYS A 13 -0.02 -1.18 -2.19
C CYS A 13 0.12 0.33 -1.99
N ALA A 14 -1.01 1.02 -1.82
CA ALA A 14 -1.07 2.50 -1.67
C ALA A 14 -0.23 3.03 -0.48
N ASN A 15 0.08 2.12 0.50
CA ASN A 15 0.84 2.45 1.71
C ASN A 15 2.36 2.20 1.51
N CYS A 16 2.75 0.91 1.41
CA CYS A 16 4.19 0.50 1.40
C CYS A 16 4.80 0.44 -0.03
N GLN A 17 3.90 0.38 -1.04
CA GLN A 17 4.25 0.28 -2.47
C GLN A 17 4.96 -1.04 -2.83
N THR A 18 4.14 -2.09 -3.04
CA THR A 18 4.58 -3.41 -3.49
C THR A 18 3.50 -4.01 -4.41
N THR A 19 3.93 -4.87 -5.34
CA THR A 19 3.05 -5.57 -6.29
C THR A 19 2.98 -7.08 -5.95
N THR A 20 3.63 -7.48 -4.84
CA THR A 20 3.74 -8.88 -4.43
C THR A 20 2.77 -9.18 -3.26
N THR A 21 1.54 -9.59 -3.62
CA THR A 21 0.49 -10.03 -2.68
C THR A 21 -0.68 -10.65 -3.47
N THR A 22 -1.39 -11.58 -2.84
CA THR A 22 -2.62 -12.18 -3.38
C THR A 22 -3.86 -11.53 -2.72
N LEU A 23 -3.67 -11.04 -1.49
CA LEU A 23 -4.72 -10.41 -0.68
C LEU A 23 -4.63 -8.87 -0.82
N TRP A 24 -5.47 -8.32 -1.71
CA TRP A 24 -5.60 -6.86 -1.92
C TRP A 24 -6.73 -6.30 -1.03
N ARG A 25 -6.38 -5.89 0.21
CA ARG A 25 -7.34 -5.30 1.15
C ARG A 25 -7.55 -3.80 0.84
N ARG A 26 -8.51 -3.17 1.55
CA ARG A 26 -8.81 -1.74 1.39
C ARG A 26 -8.44 -1.01 2.69
N ASN A 27 -7.66 0.09 2.59
CA ASN A 27 -7.23 0.87 3.76
C ASN A 27 -8.33 1.88 4.18
N ALA A 28 -7.95 2.86 5.04
CA ALA A 28 -8.85 3.92 5.54
C ALA A 28 -9.59 4.64 4.40
N GLU A 29 -8.84 5.05 3.38
CA GLU A 29 -9.35 5.74 2.18
C GLU A 29 -10.11 4.75 1.26
N GLY A 30 -9.78 3.45 1.38
CA GLY A 30 -10.42 2.38 0.59
C GLY A 30 -9.61 1.96 -0.63
N GLU A 31 -8.37 2.46 -0.73
CA GLU A 31 -7.44 2.14 -1.83
C GLU A 31 -6.80 0.74 -1.62
N PRO A 32 -6.38 0.03 -2.74
CA PRO A 32 -5.82 -1.33 -2.64
C PRO A 32 -4.43 -1.34 -1.95
N VAL A 33 -4.35 -2.01 -0.81
CA VAL A 33 -3.11 -2.24 -0.06
C VAL A 33 -2.82 -3.74 0.00
N CYS A 34 -1.54 -4.08 0.22
CA CYS A 34 -1.07 -5.46 0.30
C CYS A 34 -1.58 -6.16 1.57
N ASN A 35 -1.34 -7.48 1.62
CA ASN A 35 -1.62 -8.33 2.80
C ASN A 35 -0.92 -7.77 4.05
N ALA A 36 0.39 -7.50 3.90
CA ALA A 36 1.27 -7.04 5.00
C ALA A 36 0.82 -5.70 5.64
N CYS A 37 0.24 -4.79 4.83
CA CYS A 37 -0.28 -3.48 5.29
C CYS A 37 -1.73 -3.65 5.82
N GLY A 38 -2.46 -4.60 5.22
CA GLY A 38 -3.86 -4.87 5.56
C GLY A 38 -4.02 -5.54 6.91
N LEU A 39 -3.04 -6.37 7.29
CA LEU A 39 -3.00 -7.05 8.61
C LEU A 39 -3.02 -6.02 9.74
N TYR A 40 -2.23 -4.95 9.55
CA TYR A 40 -2.04 -3.88 10.54
C TYR A 40 -3.35 -3.09 10.75
N MET A 41 -4.07 -2.82 9.64
CA MET A 41 -5.37 -2.09 9.68
C MET A 41 -6.52 -2.97 10.18
N LYS A 42 -6.38 -4.30 10.08
CA LYS A 42 -7.36 -5.24 10.64
C LYS A 42 -7.20 -5.25 12.18
N LEU A 43 -5.95 -5.32 12.63
CA LEU A 43 -5.59 -5.45 14.05
C LEU A 43 -5.82 -4.13 14.84
N HIS A 44 -5.34 -2.99 14.30
CA HIS A 44 -5.22 -1.71 15.07
C HIS A 44 -5.87 -0.53 14.33
N GLY A 45 -6.41 -0.77 13.12
CA GLY A 45 -7.10 0.28 12.34
C GLY A 45 -6.17 1.30 11.67
N VAL A 46 -4.85 1.16 11.89
CA VAL A 46 -3.81 2.07 11.38
C VAL A 46 -2.86 1.29 10.45
N PRO A 47 -2.17 1.94 9.47
CA PRO A 47 -1.36 1.23 8.45
C PRO A 47 -0.01 0.72 8.99
N ARG A 48 0.69 -0.04 8.13
CA ARG A 48 2.07 -0.48 8.39
C ARG A 48 3.01 0.75 8.33
N PRO A 49 3.66 1.16 9.47
CA PRO A 49 4.31 2.49 9.61
C PRO A 49 5.51 2.72 8.67
N LEU A 50 5.32 3.62 7.68
CA LEU A 50 6.42 4.24 6.90
C LEU A 50 6.94 5.45 7.71
N ALA A 51 8.15 5.32 8.27
CA ALA A 51 8.78 6.35 9.13
C ALA A 51 9.37 7.50 8.29
N MET A 52 10.03 7.12 7.19
CA MET A 52 10.66 8.07 6.24
C MET A 52 9.84 8.05 4.93
N ARG A 53 9.64 9.25 4.33
CA ARG A 53 8.77 9.47 3.16
C ARG A 53 7.30 9.12 3.52
N LYS A 54 6.62 10.12 4.11
CA LYS A 54 5.24 9.96 4.64
C LYS A 54 4.21 10.73 3.76
N GLU A 55 3.46 11.70 4.35
CA GLU A 55 2.33 12.35 3.70
C GLU A 55 2.80 13.60 2.92
N GLY A 56 3.15 13.37 1.64
CA GLY A 56 3.40 14.44 0.68
C GLY A 56 2.10 15.10 0.22
N ILE A 57 0.99 14.33 0.35
CA ILE A 57 -0.40 14.76 0.11
C ILE A 57 -0.67 14.98 -1.41
N GLN A 58 -1.69 14.28 -1.94
CA GLN A 58 -2.05 14.31 -3.38
C GLN A 58 -3.51 14.76 -3.57
N THR A 59 -4.03 15.55 -2.62
CA THR A 59 -5.42 16.05 -2.66
C THR A 59 -5.64 16.95 -3.91
N ARG A 60 -6.58 16.55 -4.78
CA ARG A 60 -6.93 17.30 -6.00
C ARG A 60 -7.73 18.56 -5.64
N LYS A 61 -7.05 19.71 -5.65
CA LYS A 61 -7.66 21.04 -5.58
C LYS A 61 -7.50 21.71 -6.94
N ARG A 62 -8.60 22.26 -7.46
CA ARG A 62 -8.68 22.86 -8.81
C ARG A 62 -8.45 21.77 -9.89
N LYS A 63 -9.50 20.95 -10.07
CA LYS A 63 -9.63 19.96 -11.16
C LYS A 63 -8.49 18.90 -11.13
N SER A 1 -15.31 -20.98 -27.66
CA SER A 1 -14.08 -21.14 -26.86
C SER A 1 -14.11 -20.22 -25.63
N HIS A 2 -13.33 -20.59 -24.59
CA HIS A 2 -13.04 -19.70 -23.44
C HIS A 2 -11.53 -19.39 -23.46
N MET A 3 -11.12 -18.32 -22.77
CA MET A 3 -9.71 -17.89 -22.69
C MET A 3 -9.34 -17.70 -21.21
N SER A 4 -8.05 -17.89 -20.89
CA SER A 4 -7.54 -17.79 -19.52
C SER A 4 -7.70 -16.34 -18.99
N ALA A 5 -8.81 -16.10 -18.27
CA ALA A 5 -9.20 -14.79 -17.75
C ALA A 5 -8.37 -14.34 -16.51
N SER A 6 -7.22 -15.03 -16.29
CA SER A 6 -6.17 -14.59 -15.37
C SER A 6 -5.61 -13.24 -15.86
N ARG A 7 -6.29 -12.18 -15.41
CA ARG A 7 -6.04 -10.79 -15.81
C ARG A 7 -4.71 -10.32 -15.25
N ARG A 8 -4.51 -10.60 -13.94
CA ARG A 8 -3.33 -10.16 -13.18
C ARG A 8 -3.27 -8.63 -13.18
N VAL A 9 -4.11 -8.03 -12.32
CA VAL A 9 -4.27 -6.57 -12.21
C VAL A 9 -2.97 -5.92 -11.68
N GLY A 10 -2.15 -6.73 -10.98
CA GLY A 10 -0.85 -6.30 -10.47
C GLY A 10 -1.00 -5.49 -9.20
N LEU A 11 -1.32 -4.19 -9.38
CA LEU A 11 -1.55 -3.21 -8.31
C LEU A 11 -0.27 -2.91 -7.52
N SER A 12 -0.28 -1.76 -6.85
CA SER A 12 0.78 -1.38 -5.93
C SER A 12 0.16 -1.09 -4.56
N CYS A 13 0.81 -1.58 -3.49
CA CYS A 13 0.43 -1.27 -2.11
C CYS A 13 0.55 0.23 -1.89
N ALA A 14 -0.62 0.91 -1.80
CA ALA A 14 -0.70 2.36 -1.60
C ALA A 14 0.05 2.81 -0.34
N ASN A 15 0.21 1.88 0.61
CA ASN A 15 1.07 2.06 1.78
C ASN A 15 2.51 1.56 1.45
N CYS A 16 2.78 0.24 1.64
CA CYS A 16 4.16 -0.31 1.58
C CYS A 16 4.35 -1.08 0.26
N GLN A 17 4.36 -0.28 -0.82
CA GLN A 17 4.67 -0.64 -2.25
C GLN A 17 5.50 -1.96 -2.44
N THR A 18 4.82 -3.11 -2.24
CA THR A 18 5.39 -4.44 -2.50
C THR A 18 4.97 -4.94 -3.88
N THR A 19 3.83 -4.39 -4.36
CA THR A 19 3.23 -4.67 -5.69
C THR A 19 2.87 -6.16 -5.93
N THR A 20 2.94 -7.00 -4.86
CA THR A 20 2.67 -8.44 -4.92
C THR A 20 2.04 -8.92 -3.58
N THR A 21 0.84 -9.53 -3.68
CA THR A 21 0.18 -10.27 -2.59
C THR A 21 -0.99 -11.06 -3.19
N THR A 22 -1.43 -12.11 -2.48
CA THR A 22 -2.56 -12.96 -2.92
C THR A 22 -3.89 -12.22 -2.72
N LEU A 23 -4.04 -11.54 -1.57
CA LEU A 23 -5.29 -10.84 -1.21
C LEU A 23 -5.03 -9.32 -1.06
N TRP A 24 -5.61 -8.55 -1.99
CA TRP A 24 -5.63 -7.08 -1.94
C TRP A 24 -6.92 -6.62 -1.23
N ARG A 25 -6.77 -5.69 -0.29
CA ARG A 25 -7.87 -5.06 0.44
C ARG A 25 -7.86 -3.55 0.18
N ARG A 26 -8.84 -2.83 0.72
CA ARG A 26 -8.91 -1.37 0.66
C ARG A 26 -8.69 -0.79 2.05
N ASN A 27 -7.90 0.29 2.14
CA ASN A 27 -7.75 1.05 3.39
C ASN A 27 -9.00 1.95 3.60
N ALA A 28 -8.99 2.75 4.68
CA ALA A 28 -10.11 3.66 5.06
C ALA A 28 -10.47 4.66 3.93
N GLU A 29 -9.48 4.98 3.08
CA GLU A 29 -9.62 5.92 1.95
C GLU A 29 -10.27 5.23 0.73
N GLY A 30 -9.89 3.96 0.49
CA GLY A 30 -10.38 3.18 -0.65
C GLY A 30 -9.28 2.75 -1.62
N GLU A 31 -8.02 2.89 -1.17
CA GLU A 31 -6.82 2.56 -1.95
C GLU A 31 -6.42 1.07 -1.77
N PRO A 32 -5.94 0.38 -2.87
CA PRO A 32 -5.52 -1.05 -2.79
C PRO A 32 -4.21 -1.23 -1.99
N VAL A 33 -4.30 -1.92 -0.84
CA VAL A 33 -3.18 -2.19 0.06
C VAL A 33 -2.96 -3.71 0.19
N CYS A 34 -1.70 -4.10 0.47
CA CYS A 34 -1.29 -5.51 0.55
C CYS A 34 -1.73 -6.16 1.87
N ASN A 35 -1.47 -7.48 1.99
CA ASN A 35 -1.77 -8.28 3.19
C ASN A 35 -1.00 -7.74 4.43
N ALA A 36 0.27 -7.34 4.22
CA ALA A 36 1.16 -6.83 5.29
C ALA A 36 0.64 -5.50 5.90
N CYS A 37 -0.12 -4.72 5.10
CA CYS A 37 -0.72 -3.44 5.52
C CYS A 37 -2.10 -3.67 6.17
N GLY A 38 -2.88 -4.56 5.54
CA GLY A 38 -4.29 -4.79 5.89
C GLY A 38 -4.47 -5.56 7.19
N LEU A 39 -3.63 -6.60 7.38
CA LEU A 39 -3.64 -7.43 8.61
C LEU A 39 -3.15 -6.60 9.81
N TYR A 40 -2.22 -5.67 9.53
CA TYR A 40 -1.71 -4.70 10.51
C TYR A 40 -2.86 -3.76 10.95
N MET A 41 -3.72 -3.39 9.98
CA MET A 41 -4.92 -2.54 10.22
C MET A 41 -6.02 -3.31 10.99
N LYS A 42 -6.09 -4.64 10.79
CA LYS A 42 -7.03 -5.50 11.55
C LYS A 42 -6.61 -5.60 13.04
N LEU A 43 -5.31 -5.41 13.31
CA LEU A 43 -4.75 -5.50 14.67
C LEU A 43 -4.73 -4.13 15.39
N HIS A 44 -4.37 -3.06 14.65
CA HIS A 44 -4.01 -1.74 15.25
C HIS A 44 -4.93 -0.61 14.76
N GLY A 45 -5.77 -0.90 13.74
CA GLY A 45 -6.69 0.09 13.17
C GLY A 45 -6.06 1.01 12.12
N VAL A 46 -4.72 0.96 12.01
CA VAL A 46 -3.91 1.85 11.14
C VAL A 46 -3.04 1.00 10.18
N PRO A 47 -2.55 1.57 9.02
CA PRO A 47 -1.62 0.86 8.13
C PRO A 47 -0.21 0.75 8.73
N ARG A 48 0.65 -0.04 8.08
CA ARG A 48 2.02 -0.30 8.56
C ARG A 48 2.93 0.93 8.28
N PRO A 49 3.32 1.73 9.33
CA PRO A 49 3.90 3.09 9.13
C PRO A 49 5.27 3.09 8.41
N LEU A 50 5.41 4.00 7.43
CA LEU A 50 6.64 4.19 6.63
C LEU A 50 7.52 5.31 7.23
N ALA A 51 8.43 5.88 6.40
CA ALA A 51 9.40 6.92 6.81
C ALA A 51 8.71 8.16 7.41
N MET A 52 7.83 8.80 6.62
CA MET A 52 7.06 9.97 7.09
C MET A 52 5.68 9.49 7.58
N ARG A 53 5.44 9.63 8.90
CA ARG A 53 4.16 9.29 9.56
C ARG A 53 3.00 10.12 9.00
N LYS A 54 3.30 11.39 8.67
CA LYS A 54 2.35 12.37 8.10
C LYS A 54 1.21 12.65 9.09
N GLU A 55 1.44 13.63 9.99
CA GLU A 55 0.45 14.14 10.97
C GLU A 55 0.17 13.11 12.09
N GLY A 56 -0.52 12.01 11.74
CA GLY A 56 -0.99 11.04 12.71
C GLY A 56 -2.43 11.33 13.12
N ILE A 57 -3.38 10.82 12.32
CA ILE A 57 -4.82 11.06 12.51
C ILE A 57 -5.34 10.33 13.79
N GLN A 58 -5.25 11.03 14.93
CA GLN A 58 -5.73 10.53 16.22
C GLN A 58 -7.27 10.56 16.21
N THR A 59 -7.88 9.37 16.09
CA THR A 59 -9.32 9.18 16.13
C THR A 59 -9.66 8.23 17.29
N ARG A 60 -10.55 8.67 18.19
CA ARG A 60 -10.98 7.86 19.34
C ARG A 60 -11.92 6.74 18.88
N LYS A 61 -11.31 5.64 18.42
CA LYS A 61 -12.03 4.42 18.05
C LYS A 61 -12.59 3.76 19.32
N ARG A 62 -11.71 3.62 20.32
CA ARG A 62 -12.02 3.02 21.63
C ARG A 62 -10.80 3.22 22.55
N LYS A 63 -11.02 3.22 23.89
CA LYS A 63 -9.93 3.37 24.88
C LYS A 63 -9.05 2.08 24.92
N SER A 1 22.59 -7.87 -4.51
CA SER A 1 22.56 -9.08 -5.37
C SER A 1 21.12 -9.63 -5.48
N HIS A 2 20.15 -8.69 -5.54
CA HIS A 2 18.71 -9.00 -5.57
C HIS A 2 18.05 -8.56 -6.89
N MET A 3 18.86 -8.37 -7.96
CA MET A 3 18.38 -7.90 -9.28
C MET A 3 17.44 -8.96 -9.90
N SER A 4 16.13 -8.74 -9.76
CA SER A 4 15.08 -9.60 -10.32
C SER A 4 13.98 -8.72 -10.93
N ALA A 5 14.22 -8.30 -12.19
CA ALA A 5 13.31 -7.40 -12.92
C ALA A 5 12.09 -8.17 -13.45
N SER A 6 10.96 -8.06 -12.74
CA SER A 6 9.68 -8.64 -13.15
C SER A 6 8.56 -7.63 -12.81
N ARG A 7 7.99 -6.99 -13.85
CA ARG A 7 6.91 -5.99 -13.67
C ARG A 7 5.53 -6.69 -13.59
N ARG A 8 5.41 -7.65 -12.66
CA ARG A 8 4.15 -8.35 -12.40
C ARG A 8 3.31 -7.44 -11.47
N VAL A 9 2.61 -6.50 -12.10
CA VAL A 9 1.76 -5.53 -11.42
C VAL A 9 0.34 -6.11 -11.29
N GLY A 10 0.03 -6.67 -10.10
CA GLY A 10 -1.35 -7.02 -9.76
C GLY A 10 -2.16 -5.75 -9.53
N LEU A 11 -1.72 -4.98 -8.53
CA LEU A 11 -2.11 -3.59 -8.26
C LEU A 11 -0.85 -2.87 -7.75
N SER A 12 -1.00 -1.76 -7.01
CA SER A 12 0.13 -1.13 -6.28
C SER A 12 -0.39 -0.70 -4.90
N CYS A 13 0.31 -1.15 -3.83
CA CYS A 13 -0.01 -0.81 -2.45
C CYS A 13 0.01 0.73 -2.25
N ALA A 14 -1.13 1.29 -1.85
CA ALA A 14 -1.29 2.75 -1.60
C ALA A 14 -0.87 3.08 -0.17
N ASN A 15 0.31 2.56 0.20
CA ASN A 15 0.92 2.72 1.51
C ASN A 15 2.41 2.38 1.39
N CYS A 16 2.71 1.23 0.76
CA CYS A 16 4.08 0.70 0.61
C CYS A 16 4.66 0.98 -0.79
N GLN A 17 3.76 1.11 -1.80
CA GLN A 17 4.13 1.26 -3.23
C GLN A 17 4.92 0.03 -3.74
N THR A 18 4.34 -1.16 -3.51
CA THR A 18 4.84 -2.44 -4.04
C THR A 18 3.76 -3.08 -4.93
N THR A 19 4.17 -3.60 -6.09
CA THR A 19 3.27 -4.20 -7.08
C THR A 19 3.19 -5.72 -6.91
N THR A 20 4.12 -6.28 -6.11
CA THR A 20 4.22 -7.72 -5.83
C THR A 20 3.90 -8.02 -4.35
N THR A 21 2.82 -8.77 -4.12
CA THR A 21 2.38 -9.23 -2.80
C THR A 21 1.22 -10.25 -2.98
N THR A 22 0.67 -10.72 -1.85
CA THR A 22 -0.52 -11.59 -1.83
C THR A 22 -1.67 -10.87 -1.08
N LEU A 23 -2.93 -11.16 -1.47
CA LEU A 23 -4.16 -10.66 -0.80
C LEU A 23 -4.22 -9.12 -0.80
N TRP A 24 -4.78 -8.57 -1.90
CA TRP A 24 -4.99 -7.12 -2.05
C TRP A 24 -6.26 -6.69 -1.27
N ARG A 25 -6.04 -6.08 -0.10
CA ARG A 25 -7.11 -5.46 0.72
C ARG A 25 -7.23 -3.96 0.37
N ARG A 26 -8.08 -3.23 1.10
CA ARG A 26 -8.20 -1.74 1.00
C ARG A 26 -7.86 -1.11 2.36
N ASN A 27 -7.48 0.18 2.33
CA ASN A 27 -7.21 0.97 3.56
C ASN A 27 -8.47 1.78 3.96
N ALA A 28 -8.30 2.76 4.87
CA ALA A 28 -9.39 3.60 5.40
C ALA A 28 -10.03 4.51 4.32
N GLU A 29 -9.30 4.72 3.20
CA GLU A 29 -9.78 5.53 2.05
C GLU A 29 -10.56 4.65 1.06
N GLY A 30 -10.15 3.38 0.95
CA GLY A 30 -10.66 2.45 -0.07
C GLY A 30 -9.63 2.18 -1.16
N GLU A 31 -8.39 2.64 -0.93
CA GLU A 31 -7.25 2.42 -1.85
C GLU A 31 -6.61 1.04 -1.59
N PRO A 32 -6.22 0.28 -2.68
CA PRO A 32 -5.70 -1.10 -2.54
C PRO A 32 -4.30 -1.17 -1.87
N VAL A 33 -4.18 -1.98 -0.81
CA VAL A 33 -2.93 -2.20 -0.05
C VAL A 33 -2.61 -3.71 0.02
N CYS A 34 -1.34 -4.02 0.31
CA CYS A 34 -0.85 -5.39 0.58
C CYS A 34 -1.46 -5.96 1.88
N ASN A 35 -1.46 -7.30 2.03
CA ASN A 35 -2.01 -7.96 3.25
C ASN A 35 -1.23 -7.57 4.51
N ALA A 36 0.08 -7.30 4.38
CA ALA A 36 0.95 -6.88 5.50
C ALA A 36 0.42 -5.58 6.17
N CYS A 37 -0.13 -4.67 5.34
CA CYS A 37 -0.70 -3.38 5.78
C CYS A 37 -2.19 -3.53 6.16
N GLY A 38 -2.89 -4.42 5.42
CA GLY A 38 -4.33 -4.64 5.60
C GLY A 38 -4.68 -5.39 6.88
N LEU A 39 -3.79 -6.33 7.28
CA LEU A 39 -3.89 -7.08 8.54
C LEU A 39 -3.58 -6.14 9.72
N TYR A 40 -2.56 -5.28 9.51
CA TYR A 40 -2.06 -4.34 10.53
C TYR A 40 -3.16 -3.31 10.88
N MET A 41 -3.97 -2.94 9.86
CA MET A 41 -5.12 -2.03 10.03
C MET A 41 -6.33 -2.78 10.64
N LYS A 42 -6.49 -4.06 10.26
CA LYS A 42 -7.59 -4.91 10.77
C LYS A 42 -7.41 -5.20 12.28
N LEU A 43 -6.14 -5.23 12.73
CA LEU A 43 -5.76 -5.47 14.12
C LEU A 43 -5.69 -4.14 14.91
N HIS A 44 -4.78 -3.25 14.48
CA HIS A 44 -4.35 -2.07 15.28
C HIS A 44 -4.99 -0.76 14.79
N GLY A 45 -5.79 -0.83 13.73
CA GLY A 45 -6.51 0.34 13.19
C GLY A 45 -5.73 1.11 12.13
N VAL A 46 -4.41 1.22 12.33
CA VAL A 46 -3.50 1.98 11.44
C VAL A 46 -2.80 1.04 10.45
N PRO A 47 -2.30 1.56 9.26
CA PRO A 47 -1.53 0.73 8.32
C PRO A 47 -0.07 0.54 8.80
N ARG A 48 0.72 -0.22 8.01
CA ARG A 48 2.12 -0.54 8.34
C ARG A 48 3.03 0.67 8.01
N PRO A 49 3.63 1.36 9.05
CA PRO A 49 4.51 2.54 8.80
C PRO A 49 5.85 2.14 8.14
N LEU A 50 6.26 2.88 7.09
CA LEU A 50 7.51 2.60 6.35
C LEU A 50 8.72 3.25 7.06
N ALA A 51 9.07 2.68 8.24
CA ALA A 51 10.24 3.08 9.04
C ALA A 51 10.19 4.59 9.46
N MET A 52 10.67 5.48 8.57
CA MET A 52 10.75 6.94 8.80
C MET A 52 10.64 7.71 7.47
N ARG A 53 10.18 8.98 7.53
CA ARG A 53 10.28 9.95 6.43
C ARG A 53 10.12 11.38 6.97
N LYS A 54 10.81 12.33 6.33
CA LYS A 54 10.75 13.76 6.67
C LYS A 54 10.10 14.53 5.51
N GLU A 55 10.79 14.51 4.35
CA GLU A 55 10.36 15.22 3.11
C GLU A 55 10.52 14.30 1.89
N GLY A 56 10.13 14.81 0.71
CA GLY A 56 10.23 14.06 -0.55
C GLY A 56 9.44 14.72 -1.65
N ILE A 57 8.54 13.97 -2.30
CA ILE A 57 7.57 14.53 -3.25
C ILE A 57 6.29 14.85 -2.44
N GLN A 58 6.37 15.92 -1.63
CA GLN A 58 5.27 16.34 -0.75
C GLN A 58 4.23 17.13 -1.59
N THR A 59 3.30 16.38 -2.18
CA THR A 59 2.18 16.95 -2.93
C THR A 59 1.03 17.28 -1.97
N ARG A 60 0.25 18.31 -2.32
CA ARG A 60 -0.99 18.69 -1.63
C ARG A 60 -2.05 17.58 -1.80
N LYS A 61 -1.95 16.87 -2.95
CA LYS A 61 -2.83 15.76 -3.35
C LYS A 61 -4.29 16.25 -3.40
N ARG A 62 -4.54 17.19 -4.33
CA ARG A 62 -5.87 17.78 -4.55
C ARG A 62 -6.59 17.07 -5.71
N LYS A 63 -7.81 16.59 -5.45
CA LYS A 63 -8.72 16.05 -6.46
C LYS A 63 -10.12 16.68 -6.23
N SER A 1 25.61 1.51 -11.63
CA SER A 1 24.66 2.02 -12.63
C SER A 1 23.23 1.94 -12.07
N HIS A 2 22.47 3.04 -12.20
CA HIS A 2 21.04 3.07 -11.85
C HIS A 2 20.24 3.68 -13.02
N MET A 3 19.85 2.80 -13.94
CA MET A 3 18.84 3.07 -14.98
C MET A 3 17.68 2.06 -14.81
N SER A 4 17.67 1.37 -13.66
CA SER A 4 16.74 0.28 -13.37
C SER A 4 15.72 0.75 -12.30
N ALA A 5 14.45 0.92 -12.70
CA ALA A 5 13.37 1.38 -11.82
C ALA A 5 12.11 0.54 -12.06
N SER A 6 10.99 0.95 -11.45
CA SER A 6 9.69 0.32 -11.68
C SER A 6 9.14 0.75 -13.06
N ARG A 7 9.49 -0.04 -14.08
CA ARG A 7 9.12 0.23 -15.48
C ARG A 7 7.59 0.08 -15.67
N ARG A 8 7.10 -1.17 -15.55
CA ARG A 8 5.67 -1.48 -15.71
C ARG A 8 5.00 -1.54 -14.33
N VAL A 9 4.06 -0.61 -14.09
CA VAL A 9 3.31 -0.51 -12.83
C VAL A 9 1.91 -1.14 -13.01
N GLY A 10 1.29 -1.55 -11.89
CA GLY A 10 -0.08 -2.07 -11.87
C GLY A 10 -0.71 -1.79 -10.53
N LEU A 11 -1.50 -2.75 -9.99
CA LEU A 11 -1.91 -2.71 -8.59
C LEU A 11 -0.67 -2.87 -7.70
N SER A 12 -0.34 -1.80 -6.96
CA SER A 12 0.74 -1.78 -5.99
C SER A 12 0.16 -1.34 -4.64
N CYS A 13 0.73 -1.85 -3.52
CA CYS A 13 0.29 -1.54 -2.14
C CYS A 13 0.23 -0.03 -1.91
N ALA A 14 -0.96 0.47 -1.57
CA ALA A 14 -1.17 1.89 -1.28
C ALA A 14 -0.71 2.26 0.15
N ASN A 15 0.58 1.98 0.40
CA ASN A 15 1.23 2.12 1.71
C ASN A 15 2.73 1.83 1.53
N CYS A 16 3.05 0.57 1.12
CA CYS A 16 4.45 0.07 1.02
C CYS A 16 4.87 -0.20 -0.45
N GLN A 17 3.93 0.02 -1.39
CA GLN A 17 4.16 0.02 -2.86
C GLN A 17 4.55 -1.37 -3.44
N THR A 18 4.44 -2.45 -2.62
CA THR A 18 4.80 -3.81 -3.05
C THR A 18 3.74 -4.38 -4.02
N THR A 19 4.23 -5.07 -5.05
CA THR A 19 3.40 -5.79 -6.02
C THR A 19 3.46 -7.31 -5.76
N THR A 20 4.25 -7.72 -4.72
CA THR A 20 4.50 -9.14 -4.38
C THR A 20 3.39 -9.67 -3.41
N THR A 21 2.12 -9.52 -3.81
CA THR A 21 0.96 -9.96 -3.02
C THR A 21 -0.22 -10.26 -3.97
N THR A 22 -0.90 -11.38 -3.69
CA THR A 22 -2.09 -11.82 -4.43
C THR A 22 -3.36 -11.38 -3.68
N LEU A 23 -3.27 -11.38 -2.34
CA LEU A 23 -4.38 -11.01 -1.45
C LEU A 23 -4.40 -9.49 -1.26
N TRP A 24 -5.21 -8.80 -2.08
CA TRP A 24 -5.37 -7.33 -2.04
C TRP A 24 -6.52 -6.94 -1.12
N ARG A 25 -6.25 -5.99 -0.21
CA ARG A 25 -7.20 -5.51 0.81
C ARG A 25 -7.38 -3.98 0.68
N ARG A 26 -8.28 -3.42 1.50
CA ARG A 26 -8.50 -1.96 1.57
C ARG A 26 -7.97 -1.43 2.92
N ASN A 27 -7.33 -0.24 2.89
CA ASN A 27 -7.04 0.52 4.11
C ASN A 27 -8.30 1.32 4.53
N ALA A 28 -8.17 2.21 5.54
CA ALA A 28 -9.30 3.01 6.07
C ALA A 28 -9.93 3.95 5.00
N GLU A 29 -9.10 4.43 4.05
CA GLU A 29 -9.53 5.34 2.96
C GLU A 29 -9.99 4.55 1.71
N GLY A 30 -9.88 3.21 1.77
CA GLY A 30 -10.37 2.32 0.70
C GLY A 30 -9.39 2.15 -0.45
N GLU A 31 -8.13 2.51 -0.23
CA GLU A 31 -7.05 2.32 -1.21
C GLU A 31 -6.54 0.85 -1.19
N PRO A 32 -6.26 0.24 -2.39
CA PRO A 32 -5.84 -1.18 -2.48
C PRO A 32 -4.39 -1.40 -1.95
N VAL A 33 -4.32 -1.81 -0.68
CA VAL A 33 -3.07 -2.16 0.01
C VAL A 33 -2.81 -3.66 -0.07
N CYS A 34 -1.60 -4.08 0.30
CA CYS A 34 -1.20 -5.50 0.28
C CYS A 34 -1.86 -6.28 1.44
N ASN A 35 -1.60 -7.60 1.48
CA ASN A 35 -2.01 -8.46 2.59
C ASN A 35 -1.36 -7.97 3.91
N ALA A 36 -0.04 -7.68 3.86
CA ALA A 36 0.76 -7.27 5.05
C ALA A 36 0.26 -5.95 5.68
N CYS A 37 -0.04 -4.95 4.83
CA CYS A 37 -0.49 -3.62 5.26
C CYS A 37 -1.97 -3.65 5.67
N GLY A 38 -2.76 -4.46 4.94
CA GLY A 38 -4.20 -4.60 5.20
C GLY A 38 -4.49 -5.42 6.45
N LEU A 39 -3.60 -6.38 6.76
CA LEU A 39 -3.68 -7.22 7.96
C LEU A 39 -3.42 -6.34 9.19
N TYR A 40 -2.30 -5.59 9.12
CA TYR A 40 -1.85 -4.66 10.17
C TYR A 40 -2.96 -3.64 10.50
N MET A 41 -3.39 -2.90 9.47
CA MET A 41 -4.30 -1.76 9.64
C MET A 41 -5.71 -2.20 10.09
N LYS A 42 -6.16 -3.39 9.64
CA LYS A 42 -7.49 -3.91 10.02
C LYS A 42 -7.48 -4.46 11.46
N LEU A 43 -6.34 -5.05 11.88
CA LEU A 43 -6.12 -5.51 13.26
C LEU A 43 -6.19 -4.32 14.23
N HIS A 44 -5.47 -3.26 13.90
CA HIS A 44 -5.23 -2.12 14.81
C HIS A 44 -6.18 -0.95 14.47
N GLY A 45 -5.94 -0.29 13.34
CA GLY A 45 -6.71 0.90 12.95
C GLY A 45 -5.84 1.87 12.18
N VAL A 46 -4.57 1.97 12.61
CA VAL A 46 -3.55 2.81 11.97
C VAL A 46 -2.80 2.00 10.88
N PRO A 47 -2.25 2.67 9.80
CA PRO A 47 -1.57 1.96 8.68
C PRO A 47 -0.20 1.40 9.10
N ARG A 48 0.47 0.72 8.18
CA ARG A 48 1.77 0.09 8.43
C ARG A 48 2.89 1.12 8.15
N PRO A 49 3.48 1.76 9.21
CA PRO A 49 4.27 3.01 9.07
C PRO A 49 5.70 2.77 8.50
N LEU A 50 5.93 3.30 7.28
CA LEU A 50 7.27 3.38 6.67
C LEU A 50 8.02 4.63 7.15
N ALA A 51 7.24 5.67 7.50
CA ALA A 51 7.75 6.99 7.89
C ALA A 51 8.53 6.90 9.22
N MET A 52 9.86 6.71 9.11
CA MET A 52 10.78 6.66 10.25
C MET A 52 10.86 8.07 10.86
N ARG A 53 11.30 9.05 10.05
CA ARG A 53 11.21 10.49 10.36
C ARG A 53 10.88 11.26 9.07
N LYS A 54 9.58 11.40 8.76
CA LYS A 54 9.12 12.27 7.65
C LYS A 54 9.20 13.73 8.15
N GLU A 55 8.65 13.94 9.35
CA GLU A 55 8.72 15.20 10.13
C GLU A 55 7.87 16.31 9.47
N GLY A 56 6.65 16.51 9.99
CA GLY A 56 5.74 17.53 9.50
C GLY A 56 4.56 17.76 10.44
N ILE A 57 3.66 18.66 10.03
CA ILE A 57 2.53 19.12 10.87
C ILE A 57 1.44 18.03 10.92
N GLN A 58 0.90 17.76 12.13
CA GLN A 58 -0.20 16.79 12.31
C GLN A 58 -1.54 17.55 12.50
N THR A 59 -2.15 17.91 11.36
CA THR A 59 -3.47 18.57 11.32
C THR A 59 -4.27 18.07 10.10
N ARG A 60 -5.58 18.40 10.09
CA ARG A 60 -6.55 17.99 9.04
C ARG A 60 -6.68 16.43 8.97
N LYS A 61 -6.27 15.76 10.06
CA LYS A 61 -6.29 14.31 10.19
C LYS A 61 -7.75 13.86 10.40
N ARG A 62 -8.32 13.24 9.36
CA ARG A 62 -9.77 12.96 9.23
C ARG A 62 -10.55 14.27 8.99
N LYS A 63 -10.88 14.50 7.72
CA LYS A 63 -11.58 15.71 7.24
C LYS A 63 -12.94 15.29 6.63
N SER A 1 11.03 -0.92 -32.81
CA SER A 1 10.67 -1.81 -31.68
C SER A 1 9.27 -2.40 -31.91
N HIS A 2 9.15 -3.74 -31.76
CA HIS A 2 7.86 -4.45 -31.77
C HIS A 2 7.11 -4.19 -30.45
N MET A 3 5.86 -4.65 -30.37
CA MET A 3 5.11 -4.67 -29.11
C MET A 3 4.90 -6.13 -28.71
N SER A 4 5.06 -6.42 -27.42
CA SER A 4 4.64 -7.68 -26.80
C SER A 4 3.37 -7.42 -25.96
N ALA A 5 2.97 -8.42 -25.16
CA ALA A 5 1.84 -8.28 -24.23
C ALA A 5 2.18 -7.22 -23.16
N SER A 6 3.30 -7.45 -22.45
CA SER A 6 3.83 -6.53 -21.39
C SER A 6 2.82 -6.33 -20.23
N ARG A 7 1.82 -7.22 -20.15
CA ARG A 7 0.70 -7.10 -19.20
C ARG A 7 1.14 -7.64 -17.82
N ARG A 8 1.55 -6.72 -16.95
CA ARG A 8 1.93 -7.00 -15.55
C ARG A 8 1.90 -5.69 -14.75
N VAL A 9 1.67 -5.81 -13.43
CA VAL A 9 1.57 -4.67 -12.48
C VAL A 9 0.37 -3.76 -12.85
N GLY A 10 -0.81 -4.13 -12.34
CA GLY A 10 -2.03 -3.34 -12.52
C GLY A 10 -2.33 -2.48 -11.29
N LEU A 11 -1.87 -2.96 -10.12
CA LEU A 11 -2.01 -2.28 -8.82
C LEU A 11 -0.66 -2.17 -8.11
N SER A 12 -0.59 -1.28 -7.11
CA SER A 12 0.53 -1.15 -6.18
C SER A 12 -0.05 -0.78 -4.80
N CYS A 13 0.48 -1.42 -3.74
CA CYS A 13 0.08 -1.17 -2.34
C CYS A 13 0.15 0.33 -2.02
N ALA A 14 -0.99 0.90 -1.60
CA ALA A 14 -1.11 2.33 -1.23
C ALA A 14 -0.63 2.59 0.22
N ASN A 15 0.59 2.08 0.51
CA ASN A 15 1.25 2.22 1.80
C ASN A 15 2.75 1.88 1.58
N CYS A 16 3.03 0.60 1.23
CA CYS A 16 4.42 0.06 1.11
C CYS A 16 4.87 -0.10 -0.36
N GLN A 17 3.96 0.21 -1.31
CA GLN A 17 4.26 0.33 -2.76
C GLN A 17 4.73 -1.00 -3.40
N THR A 18 4.47 -2.14 -2.75
CA THR A 18 4.75 -3.46 -3.34
C THR A 18 3.76 -3.72 -4.49
N THR A 19 4.31 -4.06 -5.66
CA THR A 19 3.55 -4.24 -6.91
C THR A 19 3.08 -5.69 -7.09
N THR A 20 3.42 -6.57 -6.12
CA THR A 20 3.13 -8.01 -6.20
C THR A 20 2.75 -8.57 -4.80
N THR A 21 1.44 -8.79 -4.61
CA THR A 21 0.88 -9.54 -3.48
C THR A 21 -0.30 -10.37 -4.01
N THR A 22 -0.51 -11.56 -3.42
CA THR A 22 -1.55 -12.50 -3.87
C THR A 22 -2.95 -12.10 -3.33
N LEU A 23 -3.02 -11.06 -2.48
CA LEU A 23 -4.28 -10.56 -1.94
C LEU A 23 -4.23 -9.02 -1.83
N TRP A 24 -4.93 -8.36 -2.76
CA TRP A 24 -5.11 -6.90 -2.76
C TRP A 24 -6.33 -6.53 -1.89
N ARG A 25 -6.04 -6.05 -0.68
CA ARG A 25 -7.04 -5.57 0.28
C ARG A 25 -7.33 -4.07 0.03
N ARG A 26 -8.24 -3.47 0.85
CA ARG A 26 -8.60 -2.03 0.75
C ARG A 26 -8.34 -1.34 2.12
N ASN A 27 -7.65 -0.17 2.10
CA ASN A 27 -7.33 0.61 3.32
C ASN A 27 -8.52 1.54 3.68
N ALA A 28 -8.26 2.46 4.64
CA ALA A 28 -9.26 3.44 5.15
C ALA A 28 -9.83 4.36 4.05
N GLU A 29 -9.01 4.68 3.04
CA GLU A 29 -9.39 5.55 1.90
C GLU A 29 -10.12 4.76 0.80
N GLY A 30 -10.03 3.41 0.87
CA GLY A 30 -10.61 2.52 -0.14
C GLY A 30 -9.65 2.26 -1.29
N GLU A 31 -8.35 2.38 -0.99
CA GLU A 31 -7.24 2.16 -1.94
C GLU A 31 -6.68 0.72 -1.83
N PRO A 32 -6.19 0.11 -2.96
CA PRO A 32 -5.64 -1.25 -2.95
C PRO A 32 -4.27 -1.32 -2.20
N VAL A 33 -4.26 -2.00 -1.04
CA VAL A 33 -3.06 -2.28 -0.25
C VAL A 33 -2.76 -3.79 -0.26
N CYS A 34 -1.56 -4.17 0.20
CA CYS A 34 -1.17 -5.59 0.33
C CYS A 34 -1.85 -6.23 1.53
N ASN A 35 -1.73 -7.57 1.63
CA ASN A 35 -2.32 -8.37 2.72
C ASN A 35 -1.81 -7.89 4.10
N ALA A 36 -0.49 -7.65 4.20
CA ALA A 36 0.19 -7.21 5.43
C ALA A 36 -0.33 -5.86 5.92
N CYS A 37 -0.48 -4.88 4.99
CA CYS A 37 -0.93 -3.51 5.34
C CYS A 37 -2.38 -3.51 5.82
N GLY A 38 -3.21 -4.38 5.22
CA GLY A 38 -4.62 -4.51 5.62
C GLY A 38 -4.81 -5.17 6.99
N LEU A 39 -4.01 -6.23 7.25
CA LEU A 39 -4.02 -6.98 8.55
C LEU A 39 -3.55 -6.09 9.71
N TYR A 40 -2.61 -5.18 9.41
CA TYR A 40 -2.04 -4.24 10.40
C TYR A 40 -3.11 -3.21 10.83
N MET A 41 -3.99 -2.82 9.89
CA MET A 41 -5.13 -1.91 10.19
C MET A 41 -6.22 -2.64 11.00
N LYS A 42 -6.37 -3.94 10.76
CA LYS A 42 -7.39 -4.78 11.42
C LYS A 42 -7.00 -5.00 12.91
N LEU A 43 -5.71 -5.26 13.13
CA LEU A 43 -5.15 -5.57 14.46
C LEU A 43 -4.89 -4.29 15.29
N HIS A 44 -4.13 -3.36 14.69
CA HIS A 44 -3.53 -2.20 15.40
C HIS A 44 -4.25 -0.89 15.06
N GLY A 45 -5.27 -0.96 14.19
CA GLY A 45 -6.10 0.21 13.85
C GLY A 45 -5.53 1.04 12.71
N VAL A 46 -4.28 1.45 12.85
CA VAL A 46 -3.55 2.27 11.87
C VAL A 46 -2.87 1.38 10.78
N PRO A 47 -2.48 1.96 9.58
CA PRO A 47 -1.62 1.23 8.61
C PRO A 47 -0.16 1.13 9.13
N ARG A 48 0.67 0.32 8.44
CA ARG A 48 2.04 0.02 8.90
C ARG A 48 2.94 1.27 8.70
N PRO A 49 3.44 1.92 9.82
CA PRO A 49 4.27 3.15 9.75
C PRO A 49 5.67 2.85 9.16
N LEU A 50 6.01 3.53 8.06
CA LEU A 50 7.27 3.26 7.29
C LEU A 50 8.25 4.45 7.34
N ALA A 51 7.71 5.64 7.70
CA ALA A 51 8.40 6.94 7.54
C ALA A 51 8.62 7.22 6.03
N MET A 52 9.72 6.62 5.49
CA MET A 52 10.07 6.56 4.03
C MET A 52 10.18 7.96 3.36
N ARG A 53 9.02 8.60 3.12
CA ARG A 53 8.92 9.96 2.52
C ARG A 53 9.21 11.10 3.56
N LYS A 54 10.18 10.84 4.47
CA LYS A 54 10.41 11.54 5.77
C LYS A 54 10.21 13.08 5.71
N GLU A 55 8.93 13.50 5.77
CA GLU A 55 8.50 14.92 5.85
C GLU A 55 9.14 15.82 4.75
N GLY A 56 9.38 15.22 3.57
CA GLY A 56 9.85 15.95 2.40
C GLY A 56 8.69 16.51 1.57
N ILE A 57 9.00 17.35 0.57
CA ILE A 57 7.97 17.92 -0.32
C ILE A 57 7.40 16.83 -1.25
N GLN A 58 6.07 16.78 -1.31
CA GLN A 58 5.31 15.70 -1.99
C GLN A 58 4.58 16.31 -3.20
N THR A 59 4.70 15.64 -4.36
CA THR A 59 4.23 16.15 -5.65
C THR A 59 2.69 16.20 -5.73
N ARG A 60 2.19 17.28 -6.37
CA ARG A 60 0.76 17.44 -6.73
C ARG A 60 0.38 16.44 -7.84
N LYS A 61 1.28 16.33 -8.83
CA LYS A 61 1.28 15.22 -9.81
C LYS A 61 1.90 14.00 -9.11
N ARG A 62 1.09 13.32 -8.33
CA ARG A 62 1.52 12.34 -7.31
C ARG A 62 1.72 10.92 -7.89
N LYS A 63 1.55 10.79 -9.21
CA LYS A 63 1.50 9.49 -9.90
C LYS A 63 2.11 9.59 -11.32
#